data_4M6P
#
_entry.id   4M6P
#
_cell.length_a   60.633
_cell.length_b   106.361
_cell.length_c   83.107
_cell.angle_alpha   90.00
_cell.angle_beta   96.43
_cell.angle_gamma   90.00
#
_symmetry.space_group_name_H-M   'P 1 21 1'
#
loop_
_entity.id
_entity.type
_entity.pdbx_description
1 polymer 'Nicotinamide phosphoribosyltransferase'
2 non-polymer N-[4-(phenylsulfonyl)benzyl]-2H-pyrazolo[3,4-b]pyridine-5-carboxamide
3 non-polymer 'PHOSPHATE ION'
4 water water
#
_entity_poly.entity_id   1
_entity_poly.type   'polypeptide(L)'
_entity_poly.pdbx_seq_one_letter_code
;MNPAAEAEFNILLATDSYKVTHYKQYPPNTSKVYSYFECREKKTENSKLRKVKYEETVFYGLQYILNKYLKGKVVTKEKI
QEAKDVYKEHFQDDVFNEKGWNYILEKYDGHLPIEIKAVPEGFVIPRGNVLFTVENTDPECYWLTNWIETILVQSWYPIT
VATNSREQKKILAKYLLETSGNLDGLEYKLHDFGYRGVSSQETAGIGASAHLVNFKGTDTVAGLALIKKYYGTKDPVPGY
SVPAAEHSTITAWGKDHEKDAFEHIVTQFSSVPVSVVSDSYDIYNACEKIWGEDLRHLIVSRSTQAPLIIRPDSGNPLDT
VLKVLEILGKKFPVTENSKGYKLLPPYLRVIQGDGVDINTLQEIVEGMKQKMWSIENIAFGSGGGLLQKLTRDLLNCSFK
CSYVVTNGLGINVFKDPVADPNKRSKKGRLSLHRTPAGNFVTLEEGKGDLEEYGQDLLHTVFKNGKVTKSYSFDEIRKNA
QLNIELEAAHHLEHHHHHHHH
;
_entity_poly.pdbx_strand_id   A,B
#
loop_
_chem_comp.id
_chem_comp.type
_chem_comp.name
_chem_comp.formula
20R non-polymer N-[4-(phenylsulfonyl)benzyl]-2H-pyrazolo[3,4-b]pyridine-5-carboxamide 'C20 H16 N4 O3 S'
PO4 non-polymer 'PHOSPHATE ION' 'O4 P -3'
#
# COMPACT_ATOMS: atom_id res chain seq x y z
N GLU A 8 14.90 -9.17 13.50
CA GLU A 8 14.67 -7.90 14.19
C GLU A 8 14.89 -6.70 13.26
N PHE A 9 13.99 -5.73 13.37
CA PHE A 9 14.08 -4.47 12.63
C PHE A 9 15.40 -3.77 12.95
N ASN A 10 16.04 -3.29 11.90
CA ASN A 10 17.26 -2.51 12.03
C ASN A 10 17.10 -1.09 11.43
N ILE A 11 16.97 -0.07 12.30
CA ILE A 11 16.89 1.34 11.85
C ILE A 11 17.99 1.78 10.85
N LEU A 12 19.16 1.14 10.92
CA LEU A 12 20.29 1.46 10.04
C LEU A 12 20.04 0.92 8.62
N LEU A 13 19.06 0.02 8.51
CA LEU A 13 18.69 -0.56 7.21
C LEU A 13 17.29 -0.07 6.81
N ALA A 14 16.80 0.98 7.47
CA ALA A 14 15.41 1.42 7.18
C ALA A 14 15.41 2.85 6.64
N THR A 15 16.38 3.17 5.76
CA THR A 15 16.36 4.47 5.10
C THR A 15 16.57 4.26 3.57
N ASP A 16 16.32 5.29 2.74
CA ASP A 16 16.66 5.20 1.34
C ASP A 16 18.16 5.09 1.19
N SER A 17 18.60 4.17 0.32
CA SER A 17 20.03 3.97 0.13
C SER A 17 20.85 5.26 0.10
N TYR A 18 20.44 6.24 -0.69
CA TYR A 18 21.29 7.41 -0.84
C TYR A 18 21.56 8.21 0.44
N LYS A 19 20.68 8.09 1.43
CA LYS A 19 20.84 8.87 2.67
C LYS A 19 22.02 8.35 3.45
N VAL A 20 22.42 7.12 3.15
CA VAL A 20 23.63 6.58 3.73
C VAL A 20 24.84 7.42 3.36
N THR A 21 24.73 8.16 2.27
CA THR A 21 25.88 8.93 1.78
C THR A 21 25.79 10.40 2.14
N HIS A 22 24.71 10.80 2.80
CA HIS A 22 24.54 12.27 3.00
C HIS A 22 25.42 12.95 4.05
N TYR A 23 25.93 12.18 4.99
CA TYR A 23 26.81 12.75 6.00
C TYR A 23 28.11 13.33 5.40
N LYS A 24 28.36 13.06 4.13
CA LYS A 24 29.58 13.53 3.47
C LYS A 24 29.26 14.75 2.67
N GLN A 25 28.00 15.19 2.68
CA GLN A 25 27.52 16.17 1.68
C GLN A 25 27.04 17.50 2.27
N TYR A 26 26.73 17.50 3.56
CA TYR A 26 26.29 18.73 4.20
C TYR A 26 27.48 19.66 4.33
N PRO A 27 27.19 20.94 4.50
CA PRO A 27 28.29 21.89 4.68
C PRO A 27 29.16 21.47 5.85
N PRO A 28 30.49 21.55 5.72
CA PRO A 28 31.26 21.33 6.96
C PRO A 28 30.89 22.31 8.08
N ASN A 29 31.11 21.87 9.31
CA ASN A 29 30.84 22.72 10.46
C ASN A 29 29.35 22.94 10.64
N THR A 30 28.58 21.91 10.31
CA THR A 30 27.14 21.94 10.52
C THR A 30 26.74 21.23 11.81
N SER A 31 26.09 21.97 12.72
CA SER A 31 25.78 21.39 14.05
C SER A 31 24.31 20.99 14.19
N LYS A 32 23.47 21.57 13.32
CA LYS A 32 21.99 21.38 13.43
C LYS A 32 21.35 21.26 12.06
N VAL A 33 20.51 20.25 11.88
CA VAL A 33 19.65 20.13 10.72
C VAL A 33 18.23 19.96 11.21
N TYR A 34 17.37 20.88 10.77
CA TYR A 34 16.02 20.95 11.28
C TYR A 34 15.07 20.85 10.13
N SER A 35 14.11 19.92 10.24
CA SER A 35 13.27 19.58 9.11
C SER A 35 11.82 19.48 9.56
N TYR A 36 10.86 19.54 8.63
CA TYR A 36 9.43 19.57 9.02
C TYR A 36 8.60 18.79 8.01
N PHE A 37 7.37 18.41 8.36
CA PHE A 37 6.47 17.68 7.44
C PHE A 37 5.20 18.51 7.27
N GLU A 38 4.71 18.58 6.05
CA GLU A 38 3.45 19.26 5.78
C GLU A 38 2.73 18.46 4.68
N CYS A 39 1.42 18.70 4.55
CA CYS A 39 0.61 18.22 3.43
C CYS A 39 0.47 19.44 2.52
N ARG A 40 1.36 19.55 1.54
CA ARG A 40 1.60 20.81 0.91
C ARG A 40 0.36 21.28 0.11
N GLU A 41 0.09 22.59 0.09
CA GLU A 41 -1.07 23.08 -0.64
C GLU A 41 -0.80 22.88 -2.13
N LYS A 42 -1.84 22.59 -2.90
CA LYS A 42 -1.71 22.49 -4.34
C LYS A 42 -2.48 23.64 -4.97
N LYS A 43 -1.75 24.66 -5.40
CA LYS A 43 -2.37 25.84 -5.98
C LYS A 43 -2.43 25.72 -7.50
N LYS A 53 -10.17 17.43 -3.58
CA LYS A 53 -10.99 18.37 -2.80
C LYS A 53 -10.75 18.27 -1.26
N TYR A 54 -9.49 18.15 -0.87
CA TYR A 54 -9.04 17.72 0.45
C TYR A 54 -8.32 18.89 1.16
N GLU A 55 -9.11 19.85 1.62
CA GLU A 55 -8.54 21.10 2.13
C GLU A 55 -7.99 21.02 3.55
N GLU A 56 -8.37 19.99 4.30
CA GLU A 56 -7.81 19.80 5.64
C GLU A 56 -7.50 18.35 5.87
N THR A 57 -6.62 18.05 6.81
CA THR A 57 -6.12 16.65 6.95
C THR A 57 -6.16 16.28 8.43
N VAL A 58 -6.50 15.04 8.71
CA VAL A 58 -6.47 14.47 10.01
C VAL A 58 -5.05 14.00 10.30
N PHE A 59 -4.40 14.53 11.36
CA PHE A 59 -3.03 14.07 11.64
C PHE A 59 -3.13 12.87 12.51
N TYR A 60 -2.71 11.72 12.01
CA TYR A 60 -2.79 10.49 12.78
C TYR A 60 -1.69 9.52 12.33
N GLY A 61 -1.05 8.85 13.25
CA GLY A 61 -0.21 7.69 12.89
C GLY A 61 1.26 7.75 13.32
N LEU A 62 1.71 8.93 13.72
CA LEU A 62 3.10 9.13 14.12
C LEU A 62 3.44 8.36 15.42
N GLN A 63 2.46 8.29 16.30
CA GLN A 63 2.67 7.66 17.60
C GLN A 63 2.99 6.16 17.38
N TYR A 64 2.31 5.53 16.44
CA TYR A 64 2.67 4.17 16.02
C TYR A 64 4.16 4.06 15.64
N ILE A 65 4.56 4.94 14.73
CA ILE A 65 5.93 4.92 14.23
C ILE A 65 6.92 5.14 15.37
N LEU A 66 6.67 6.18 16.16
CA LEU A 66 7.52 6.49 17.32
C LEU A 66 7.82 5.28 18.21
N ASN A 67 6.75 4.61 18.62
CA ASN A 67 6.84 3.46 19.54
C ASN A 67 7.37 2.20 18.89
N LYS A 68 6.88 1.90 17.69
CA LYS A 68 7.31 0.66 17.06
C LYS A 68 8.78 0.69 16.58
N TYR A 69 9.25 1.83 16.07
CA TYR A 69 10.52 1.90 15.31
C TYR A 69 11.59 2.78 15.91
N LEU A 70 11.20 3.82 16.62
CA LEU A 70 12.16 4.88 16.92
C LEU A 70 12.61 4.92 18.36
N LYS A 71 11.77 4.45 19.28
CA LYS A 71 12.09 4.67 20.68
C LYS A 71 13.09 3.65 21.26
N GLY A 72 13.76 4.02 22.34
CA GLY A 72 14.56 3.03 23.07
C GLY A 72 15.90 2.72 22.43
N LYS A 73 16.49 1.59 22.80
CA LYS A 73 17.81 1.24 22.25
C LYS A 73 17.67 0.69 20.84
N VAL A 74 17.89 1.52 19.83
CA VAL A 74 17.64 1.09 18.46
C VAL A 74 18.97 0.83 17.74
N VAL A 75 20.07 1.11 18.41
CA VAL A 75 21.42 0.84 17.87
C VAL A 75 22.11 -0.19 18.76
N THR A 76 22.70 -1.21 18.13
CA THR A 76 23.56 -2.20 18.79
C THR A 76 24.81 -2.43 17.93
N LYS A 77 25.85 -3.04 18.50
CA LYS A 77 27.05 -3.23 17.72
C LYS A 77 26.79 -4.21 16.59
N GLU A 78 25.88 -5.15 16.81
CA GLU A 78 25.54 -6.12 15.79
C GLU A 78 24.81 -5.47 14.61
N LYS A 79 23.93 -4.55 14.94
CA LYS A 79 23.15 -3.83 13.93
C LYS A 79 24.07 -2.96 13.12
N ILE A 80 25.07 -2.35 13.77
CA ILE A 80 26.02 -1.52 13.06
C ILE A 80 26.82 -2.40 12.13
N GLN A 81 27.26 -3.57 12.60
CA GLN A 81 28.06 -4.46 11.74
C GLN A 81 27.25 -5.01 10.57
N GLU A 82 25.98 -5.32 10.82
CA GLU A 82 25.16 -5.87 9.77
C GLU A 82 24.97 -4.84 8.65
N ALA A 83 24.65 -3.61 9.05
CA ALA A 83 24.49 -2.54 8.08
C ALA A 83 25.79 -2.34 7.27
N LYS A 84 26.93 -2.37 7.96
CA LYS A 84 28.21 -2.20 7.30
C LYS A 84 28.39 -3.23 6.19
N ASP A 85 28.05 -4.48 6.52
CA ASP A 85 28.22 -5.64 5.62
C ASP A 85 27.33 -5.51 4.38
N VAL A 86 26.07 -5.12 4.58
CA VAL A 86 25.08 -4.98 3.50
C VAL A 86 25.47 -3.83 2.58
N TYR A 87 25.75 -2.67 3.16
CA TYR A 87 26.11 -1.50 2.38
C TYR A 87 27.39 -1.67 1.54
N LYS A 88 28.37 -2.37 2.10
CA LYS A 88 29.60 -2.66 1.37
C LYS A 88 29.23 -3.30 0.04
N GLU A 89 28.27 -4.22 0.08
CA GLU A 89 27.92 -4.91 -1.15
C GLU A 89 26.95 -4.10 -2.01
N HIS A 90 25.99 -3.47 -1.34
CA HIS A 90 24.93 -2.72 -2.02
C HIS A 90 25.51 -1.52 -2.80
N PHE A 91 26.56 -0.88 -2.25
CA PHE A 91 27.23 0.25 -2.92
C PHE A 91 28.53 -0.14 -3.66
N GLN A 92 28.96 -1.38 -3.48
CA GLN A 92 30.27 -1.81 -4.00
C GLN A 92 31.34 -0.83 -3.58
N ASP A 93 31.22 -0.33 -2.35
CA ASP A 93 32.06 0.76 -1.82
C ASP A 93 31.81 0.83 -0.33
N ASP A 94 32.75 1.43 0.42
CA ASP A 94 32.69 1.42 1.88
C ASP A 94 31.99 2.57 2.54
N VAL A 95 31.27 3.38 1.77
CA VAL A 95 30.62 4.56 2.34
C VAL A 95 29.63 4.10 3.39
N PHE A 96 29.66 4.71 4.56
CA PHE A 96 28.75 4.26 5.64
C PHE A 96 29.35 4.86 6.85
N ASN A 97 28.55 5.65 7.55
CA ASN A 97 29.03 6.43 8.67
C ASN A 97 29.04 5.55 9.92
N GLU A 98 29.94 4.57 9.94
CA GLU A 98 30.15 3.74 11.13
C GLU A 98 30.47 4.59 12.37
N LYS A 99 31.40 5.55 12.24
CA LYS A 99 31.75 6.38 13.41
C LYS A 99 30.52 7.07 13.98
N GLY A 100 29.68 7.65 13.14
CA GLY A 100 28.51 8.38 13.61
C GLY A 100 27.53 7.50 14.37
N TRP A 101 27.34 6.27 13.89
CA TRP A 101 26.43 5.38 14.56
C TRP A 101 27.06 4.83 15.85
N ASN A 102 28.35 4.55 15.83
CA ASN A 102 29.06 4.23 17.07
C ASN A 102 28.89 5.25 18.17
N TYR A 103 29.01 6.53 17.80
CA TYR A 103 28.83 7.63 18.71
C TYR A 103 27.47 7.57 19.43
N ILE A 104 26.38 7.46 18.67
CA ILE A 104 25.08 7.18 19.30
C ILE A 104 25.07 5.94 20.23
N LEU A 105 25.67 4.85 19.81
CA LEU A 105 25.69 3.68 20.66
C LEU A 105 26.48 3.95 21.96
N GLU A 106 27.67 4.51 21.84
CA GLU A 106 28.51 4.78 23.03
C GLU A 106 27.97 5.89 23.92
N LYS A 107 27.51 7.01 23.33
CA LYS A 107 27.20 8.14 24.19
C LYS A 107 25.78 8.08 24.77
N TYR A 108 24.85 7.49 24.03
CA TYR A 108 23.45 7.56 24.43
C TYR A 108 22.82 6.17 24.56
N ASP A 109 23.67 5.16 24.72
CA ASP A 109 23.22 3.77 24.82
C ASP A 109 22.27 3.41 23.66
N GLY A 110 22.62 3.85 22.45
CA GLY A 110 21.82 3.54 21.27
C GLY A 110 20.47 4.24 21.14
N HIS A 111 20.19 5.26 21.97
CA HIS A 111 18.92 6.02 21.83
C HIS A 111 19.13 7.17 20.84
N LEU A 112 18.13 7.50 20.03
CA LEU A 112 18.33 8.55 19.05
C LEU A 112 18.31 9.94 19.65
N PRO A 113 19.38 10.72 19.44
CA PRO A 113 19.46 12.13 19.88
C PRO A 113 18.72 13.06 18.95
N ILE A 114 17.38 12.96 19.07
CA ILE A 114 16.42 13.60 18.15
C ILE A 114 15.30 14.20 18.93
N GLU A 115 14.77 15.32 18.46
CA GLU A 115 13.60 15.85 19.17
C GLU A 115 12.53 16.03 18.12
N ILE A 116 11.32 15.52 18.36
CA ILE A 116 10.21 15.67 17.40
C ILE A 116 9.07 16.39 18.09
N LYS A 117 8.55 17.44 17.44
CA LYS A 117 7.42 18.18 17.97
C LYS A 117 6.30 18.03 16.97
N ALA A 118 5.08 17.85 17.47
CA ALA A 118 3.95 17.51 16.60
C ALA A 118 2.61 18.06 17.08
N VAL A 119 1.75 18.43 16.13
CA VAL A 119 0.34 18.75 16.46
C VAL A 119 -0.34 17.48 17.08
N PRO A 120 -1.33 17.65 17.96
CA PRO A 120 -1.91 16.47 18.59
C PRO A 120 -2.63 15.53 17.60
N GLU A 121 -2.46 14.25 17.81
CA GLU A 121 -3.14 13.28 16.95
C GLU A 121 -4.67 13.45 16.98
N GLY A 122 -5.26 13.34 15.79
CA GLY A 122 -6.68 13.59 15.61
C GLY A 122 -6.96 15.00 15.11
N PHE A 123 -6.01 15.91 15.33
CA PHE A 123 -6.21 17.31 14.96
C PHE A 123 -6.49 17.42 13.48
N VAL A 124 -7.40 18.29 13.12
CA VAL A 124 -7.79 18.49 11.74
C VAL A 124 -7.29 19.85 11.25
N ILE A 125 -6.38 19.87 10.29
CA ILE A 125 -5.55 21.07 10.03
C ILE A 125 -5.51 21.32 8.54
N PRO A 126 -5.75 22.57 8.13
CA PRO A 126 -5.74 22.86 6.70
C PRO A 126 -4.41 22.58 6.03
N ARG A 127 -4.49 22.38 4.74
CA ARG A 127 -3.26 22.17 4.02
C ARG A 127 -2.23 23.27 4.08
N GLY A 128 -0.96 22.84 3.89
CA GLY A 128 0.15 23.76 3.92
C GLY A 128 0.57 24.26 5.29
N ASN A 129 0.22 23.51 6.32
CA ASN A 129 0.64 23.79 7.66
C ASN A 129 1.72 22.82 8.16
N VAL A 130 2.66 23.32 8.95
CA VAL A 130 3.55 22.40 9.69
C VAL A 130 2.78 21.43 10.60
N LEU A 131 3.01 20.11 10.45
CA LEU A 131 2.39 19.11 11.31
C LEU A 131 3.35 18.49 12.33
N PHE A 132 4.62 18.33 11.90
CA PHE A 132 5.65 17.96 12.84
C PHE A 132 7.03 18.45 12.40
N THR A 133 7.96 18.58 13.35
CA THR A 133 9.33 19.00 13.06
C THR A 133 10.28 18.02 13.69
N VAL A 134 11.50 17.97 13.19
CA VAL A 134 12.50 16.96 13.58
C VAL A 134 13.84 17.68 13.59
N GLU A 135 14.59 17.51 14.67
CA GLU A 135 15.92 18.14 14.76
C GLU A 135 16.85 17.29 15.63
N ASN A 136 18.17 17.40 15.45
CA ASN A 136 19.06 16.58 16.27
C ASN A 136 19.33 17.40 17.53
N THR A 137 19.55 16.71 18.66
CA THR A 137 19.78 17.37 19.94
C THR A 137 21.26 17.34 20.29
N ASP A 138 22.06 16.74 19.42
CA ASP A 138 23.52 16.69 19.64
C ASP A 138 24.18 17.08 18.31
N PRO A 139 25.12 18.03 18.36
CA PRO A 139 25.75 18.51 17.10
C PRO A 139 26.41 17.42 16.25
N GLU A 140 26.89 16.37 16.88
CA GLU A 140 27.54 15.27 16.16
C GLU A 140 26.54 14.55 15.22
N CYS A 141 25.25 14.71 15.52
CA CYS A 141 24.20 13.94 14.86
C CYS A 141 23.36 14.77 13.94
N TYR A 142 23.97 15.77 13.31
CA TYR A 142 23.30 16.64 12.37
C TYR A 142 22.78 15.78 11.20
N TRP A 143 23.44 14.64 10.93
CA TRP A 143 23.09 13.78 9.79
C TRP A 143 21.87 12.91 10.11
N LEU A 144 21.48 12.86 11.38
CA LEU A 144 20.47 11.87 11.77
C LEU A 144 19.05 12.36 11.47
N THR A 145 18.86 13.67 11.42
CA THR A 145 17.54 14.26 11.20
C THR A 145 16.96 13.75 9.92
N ASN A 146 17.76 13.76 8.86
CA ASN A 146 17.20 13.30 7.58
C ASN A 146 17.35 11.83 7.28
N TRP A 147 18.17 11.12 8.07
CA TRP A 147 18.22 9.66 8.01
C TRP A 147 16.82 9.08 8.18
N ILE A 148 16.14 9.60 9.17
CA ILE A 148 14.80 9.09 9.54
C ILE A 148 13.67 9.74 8.77
N GLU A 149 14.01 10.54 7.77
CA GLU A 149 12.94 11.02 6.86
C GLU A 149 12.05 9.89 6.29
N THR A 150 12.70 8.85 5.79
CA THR A 150 11.97 7.79 5.05
C THR A 150 10.92 7.14 5.92
N ILE A 151 11.34 6.74 7.11
CA ILE A 151 10.39 6.10 8.02
C ILE A 151 9.31 7.09 8.50
N LEU A 152 9.66 8.31 8.88
CA LEU A 152 8.66 9.29 9.28
C LEU A 152 7.66 9.67 8.19
N VAL A 153 8.14 9.75 6.95
CA VAL A 153 7.28 10.17 5.86
C VAL A 153 6.19 9.09 5.56
N GLN A 154 6.42 7.85 5.97
CA GLN A 154 5.35 6.83 5.80
C GLN A 154 4.08 7.16 6.64
N SER A 155 4.18 8.20 7.49
CA SER A 155 3.02 8.75 8.19
C SER A 155 1.95 9.25 7.18
N TRP A 156 2.35 9.46 5.95
CA TRP A 156 1.45 9.94 4.86
C TRP A 156 0.24 9.00 4.78
N TYR A 157 0.53 7.73 5.06
CA TYR A 157 -0.46 6.71 4.82
C TYR A 157 -1.63 6.76 5.84
N PRO A 158 -1.33 6.62 7.13
CA PRO A 158 -2.47 6.78 8.04
C PRO A 158 -3.08 8.18 7.97
N ILE A 159 -2.27 9.22 7.75
CA ILE A 159 -2.91 10.53 7.57
C ILE A 159 -3.91 10.54 6.41
N THR A 160 -3.50 9.95 5.29
CA THR A 160 -4.34 10.00 4.10
C THR A 160 -5.54 9.09 4.23
N VAL A 161 -5.35 7.91 4.82
CA VAL A 161 -6.51 7.02 5.07
C VAL A 161 -7.53 7.74 5.96
N ALA A 162 -7.04 8.30 7.07
CA ALA A 162 -7.95 8.91 8.07
C ALA A 162 -8.67 10.07 7.39
N THR A 163 -7.93 10.81 6.59
CA THR A 163 -8.49 12.04 5.97
C THR A 163 -9.56 11.67 4.90
N ASN A 164 -9.20 10.75 4.01
CA ASN A 164 -10.12 10.29 2.97
C ASN A 164 -11.36 9.65 3.57
N SER A 165 -11.18 8.86 4.62
CA SER A 165 -12.31 8.33 5.30
C SER A 165 -13.21 9.41 5.99
N ARG A 166 -12.60 10.43 6.63
CA ARG A 166 -13.38 11.52 7.17
C ARG A 166 -14.15 12.31 6.09
N GLU A 167 -13.53 12.49 4.94
CA GLU A 167 -14.25 13.19 3.86
C GLU A 167 -15.45 12.42 3.39
N GLN A 168 -15.37 11.09 3.44
CA GLN A 168 -16.51 10.24 3.06
C GLN A 168 -17.62 10.33 4.15
N LYS A 169 -17.22 10.36 5.42
CA LYS A 169 -18.17 10.62 6.52
C LYS A 169 -18.91 11.94 6.33
N LYS A 170 -18.21 12.97 5.86
CA LYS A 170 -18.87 14.24 5.59
C LYS A 170 -19.96 14.16 4.56
N ILE A 171 -19.70 13.43 3.48
CA ILE A 171 -20.72 13.20 2.45
C ILE A 171 -21.91 12.42 3.06
N LEU A 172 -21.61 11.35 3.80
CA LEU A 172 -22.67 10.56 4.39
C LEU A 172 -23.48 11.38 5.36
N ALA A 173 -22.80 12.17 6.18
CA ALA A 173 -23.51 12.95 7.21
C ALA A 173 -24.49 13.93 6.54
N LYS A 174 -24.03 14.56 5.48
CA LYS A 174 -24.80 15.57 4.78
C LYS A 174 -26.10 14.96 4.21
N TYR A 175 -25.95 13.87 3.49
CA TYR A 175 -27.09 13.16 2.90
C TYR A 175 -27.97 12.45 3.94
N LEU A 176 -27.38 11.78 4.94
CA LEU A 176 -28.21 11.23 6.04
C LEU A 176 -29.05 12.34 6.70
N LEU A 177 -28.42 13.47 7.02
CA LEU A 177 -29.14 14.53 7.71
C LEU A 177 -30.26 15.07 6.81
N GLU A 178 -29.95 15.30 5.55
CA GLU A 178 -30.96 15.80 4.61
C GLU A 178 -32.14 14.80 4.44
N THR A 179 -31.85 13.50 4.33
CA THR A 179 -32.94 12.60 4.02
C THR A 179 -33.66 12.01 5.26
N SER A 180 -33.06 12.13 6.46
CA SER A 180 -33.64 11.52 7.67
C SER A 180 -33.90 12.51 8.81
N GLY A 181 -33.13 13.59 8.85
CA GLY A 181 -33.29 14.62 9.86
C GLY A 181 -32.38 14.38 11.05
N ASN A 182 -31.50 13.38 10.93
CA ASN A 182 -30.57 13.12 12.04
C ASN A 182 -29.38 12.30 11.57
N LEU A 183 -28.44 12.03 12.49
CA LEU A 183 -27.24 11.31 12.13
C LEU A 183 -27.17 9.83 12.63
N ASP A 184 -28.32 9.33 13.05
CA ASP A 184 -28.40 7.98 13.60
C ASP A 184 -27.76 6.91 12.65
N GLY A 185 -26.76 6.21 13.17
CA GLY A 185 -26.18 5.09 12.45
C GLY A 185 -25.00 5.50 11.55
N LEU A 186 -24.65 6.79 11.57
CA LEU A 186 -23.59 7.34 10.67
C LEU A 186 -22.27 6.58 10.85
N GLU A 187 -21.98 6.26 12.11
CA GLU A 187 -20.69 5.69 12.46
C GLU A 187 -20.56 4.21 11.98
N TYR A 188 -21.64 3.64 11.40
CA TYR A 188 -21.62 2.27 10.84
C TYR A 188 -21.96 2.32 9.36
N LYS A 189 -21.79 3.47 8.73
CA LYS A 189 -22.25 3.62 7.35
C LYS A 189 -21.17 3.35 6.26
N LEU A 190 -19.91 3.22 6.68
CA LEU A 190 -18.80 2.90 5.78
C LEU A 190 -17.92 1.87 6.47
N HIS A 191 -18.10 0.62 6.08
CA HIS A 191 -17.37 -0.50 6.68
C HIS A 191 -16.08 -0.78 5.85
N ASP A 192 -15.02 -1.16 6.56
CA ASP A 192 -13.71 -1.51 5.98
C ASP A 192 -13.71 -2.98 5.55
N PHE A 193 -13.57 -3.17 4.24
CA PHE A 193 -13.54 -4.45 3.55
C PHE A 193 -12.12 -4.67 2.96
N GLY A 194 -11.18 -3.82 3.39
CA GLY A 194 -9.89 -3.69 2.71
C GLY A 194 -8.82 -4.72 3.04
N TYR A 195 -9.08 -5.72 3.91
CA TYR A 195 -7.97 -6.52 4.41
C TYR A 195 -7.24 -7.21 3.23
N ARG A 196 -8.01 -7.91 2.39
CA ARG A 196 -7.40 -8.60 1.27
C ARG A 196 -6.79 -7.71 0.18
N GLY A 197 -7.25 -6.45 0.09
CA GLY A 197 -6.95 -5.55 -1.01
C GLY A 197 -5.77 -4.58 -0.79
N VAL A 198 -5.15 -4.68 0.40
CA VAL A 198 -3.95 -3.89 0.72
C VAL A 198 -2.68 -4.69 0.48
N SER A 199 -1.57 -4.01 0.46
CA SER A 199 -0.30 -4.61 0.09
C SER A 199 0.40 -5.49 1.14
N SER A 200 0.00 -5.44 2.40
CA SER A 200 0.69 -6.31 3.41
C SER A 200 -0.14 -6.36 4.70
N GLN A 201 0.19 -7.32 5.56
CA GLN A 201 -0.39 -7.39 6.88
C GLN A 201 -0.15 -6.07 7.67
N GLU A 202 1.07 -5.52 7.61
CA GLU A 202 1.37 -4.34 8.42
C GLU A 202 0.49 -3.18 7.94
N THR A 203 0.41 -3.04 6.62
CA THR A 203 -0.43 -2.00 6.01
C THR A 203 -1.88 -2.18 6.46
N ALA A 204 -2.37 -3.41 6.42
CA ALA A 204 -3.71 -3.71 6.94
C ALA A 204 -4.01 -3.09 8.32
N GLY A 205 -3.14 -3.34 9.29
CA GLY A 205 -3.37 -2.90 10.65
C GLY A 205 -3.34 -1.37 10.67
N ILE A 206 -2.39 -0.74 9.98
CA ILE A 206 -2.28 0.74 10.05
C ILE A 206 -3.49 1.41 9.37
N GLY A 207 -3.85 0.91 8.18
CA GLY A 207 -4.96 1.50 7.42
C GLY A 207 -6.27 1.31 8.15
N ALA A 208 -6.50 0.09 8.66
CA ALA A 208 -7.77 -0.15 9.34
C ALA A 208 -7.91 0.73 10.60
N SER A 209 -6.79 0.94 11.33
CA SER A 209 -6.80 1.86 12.48
C SER A 209 -7.16 3.29 12.05
N ALA A 210 -6.64 3.73 10.91
CA ALA A 210 -6.87 5.12 10.47
C ALA A 210 -8.36 5.31 10.13
N HIS A 211 -8.94 4.31 9.46
CA HIS A 211 -10.37 4.38 9.22
C HIS A 211 -11.21 4.45 10.52
N LEU A 212 -10.81 3.71 11.55
CA LEU A 212 -11.56 3.65 12.84
C LEU A 212 -11.51 4.97 13.60
N VAL A 213 -10.73 5.91 13.12
CA VAL A 213 -10.73 7.26 13.66
C VAL A 213 -12.11 7.89 13.43
N ASN A 214 -12.79 7.43 12.37
CA ASN A 214 -14.00 8.07 11.88
C ASN A 214 -15.26 7.18 11.94
N PHE A 215 -15.02 5.90 11.90
CA PHE A 215 -16.11 4.91 11.95
C PHE A 215 -15.86 3.78 12.94
N LYS A 216 -16.89 2.97 13.16
CA LYS A 216 -16.82 1.84 14.11
C LYS A 216 -16.90 0.46 13.47
N GLY A 217 -17.15 0.40 12.16
CA GLY A 217 -17.29 -0.89 11.47
C GLY A 217 -16.06 -1.31 10.66
N THR A 218 -15.55 -2.49 10.95
CA THR A 218 -14.37 -3.00 10.24
C THR A 218 -14.42 -4.53 10.18
N ASP A 219 -13.93 -5.09 9.06
CA ASP A 219 -13.64 -6.52 8.99
C ASP A 219 -12.12 -6.70 8.97
N THR A 220 -11.41 -5.60 8.97
CA THR A 220 -9.94 -5.74 8.94
C THR A 220 -9.43 -5.91 10.36
N VAL A 221 -9.43 -7.15 10.85
CA VAL A 221 -9.14 -7.48 12.27
C VAL A 221 -7.82 -6.91 12.76
N ALA A 222 -6.82 -6.87 11.87
CA ALA A 222 -5.49 -6.33 12.21
C ALA A 222 -5.48 -4.95 12.89
N GLY A 223 -6.38 -4.05 12.51
CA GLY A 223 -6.43 -2.76 13.17
C GLY A 223 -6.67 -2.77 14.67
N LEU A 224 -7.44 -3.74 15.14
CA LEU A 224 -7.87 -3.78 16.54
C LEU A 224 -6.66 -3.93 17.46
N ALA A 225 -5.74 -4.84 17.11
CA ALA A 225 -4.60 -5.09 17.99
C ALA A 225 -3.62 -3.94 17.94
N LEU A 226 -3.48 -3.33 16.76
CA LEU A 226 -2.68 -2.10 16.63
C LEU A 226 -3.14 -1.01 17.64
N ILE A 227 -4.46 -0.73 17.63
CA ILE A 227 -4.99 0.34 18.45
C ILE A 227 -4.80 -0.01 19.95
N LYS A 228 -5.07 -1.26 20.33
CA LYS A 228 -4.90 -1.67 21.73
C LYS A 228 -3.47 -1.44 22.18
N LYS A 229 -2.53 -1.89 21.36
CA LYS A 229 -1.13 -1.78 21.80
C LYS A 229 -0.51 -0.40 21.73
N TYR A 230 -0.90 0.44 20.76
CA TYR A 230 -0.25 1.73 20.57
C TYR A 230 -1.01 2.98 20.97
N TYR A 231 -2.32 2.86 21.10
CA TYR A 231 -3.22 4.02 21.38
C TYR A 231 -4.14 3.81 22.57
N GLY A 232 -4.95 2.76 22.47
CA GLY A 232 -5.81 2.27 23.55
C GLY A 232 -7.18 2.94 23.56
N THR A 233 -8.20 2.15 23.92
CA THR A 233 -9.57 2.66 24.13
C THR A 233 -10.12 2.20 25.51
N LYS A 234 -10.97 3.02 26.09
CA LYS A 234 -11.82 2.63 27.24
C LYS A 234 -12.58 1.35 26.94
N ASP A 235 -13.25 1.32 25.79
CA ASP A 235 -13.99 0.12 25.37
C ASP A 235 -13.04 -1.02 25.06
N PRO A 236 -13.54 -2.25 25.26
CA PRO A 236 -12.77 -3.45 24.93
C PRO A 236 -12.17 -3.37 23.54
N VAL A 237 -12.96 -2.98 22.55
CA VAL A 237 -12.48 -2.88 21.16
C VAL A 237 -12.96 -1.60 20.47
N PRO A 238 -12.20 -1.14 19.47
CA PRO A 238 -12.54 0.09 18.73
C PRO A 238 -13.53 -0.13 17.56
N GLY A 239 -13.70 -1.37 17.11
CA GLY A 239 -14.48 -1.58 15.91
C GLY A 239 -15.19 -2.93 15.94
N TYR A 240 -16.23 -3.05 15.13
CA TYR A 240 -17.19 -4.13 15.30
C TYR A 240 -17.60 -4.72 13.94
N SER A 241 -18.08 -5.96 13.95
CA SER A 241 -18.69 -6.53 12.73
C SER A 241 -19.87 -7.47 13.06
N VAL A 242 -20.50 -8.02 12.02
CA VAL A 242 -21.64 -8.91 12.24
C VAL A 242 -21.57 -10.04 11.22
N PRO A 243 -22.31 -11.15 11.47
CA PRO A 243 -22.10 -12.28 10.55
C PRO A 243 -22.58 -11.99 9.10
N ALA A 244 -21.89 -12.61 8.15
CA ALA A 244 -22.24 -12.39 6.75
C ALA A 244 -21.74 -13.53 5.89
N ALA A 245 -22.46 -13.73 4.80
CA ALA A 245 -22.13 -14.80 3.86
C ALA A 245 -21.01 -14.30 2.92
N GLU A 246 -20.36 -15.20 2.20
CA GLU A 246 -19.55 -14.81 1.03
C GLU A 246 -20.03 -15.68 -0.10
N HIS A 247 -19.55 -15.45 -1.32
CA HIS A 247 -19.98 -16.30 -2.44
C HIS A 247 -19.73 -17.78 -2.20
N SER A 248 -18.60 -18.12 -1.60
CA SER A 248 -18.39 -19.54 -1.26
C SER A 248 -19.52 -20.23 -0.47
N THR A 249 -20.12 -19.52 0.47
CA THR A 249 -21.05 -20.17 1.46
C THR A 249 -22.44 -20.23 0.85
N ILE A 250 -22.59 -19.49 -0.26
CA ILE A 250 -23.79 -19.65 -1.09
C ILE A 250 -23.55 -20.68 -2.22
N THR A 251 -22.47 -20.51 -2.99
CA THR A 251 -22.31 -21.35 -4.21
C THR A 251 -22.06 -22.81 -3.85
N ALA A 252 -21.52 -23.06 -2.67
CA ALA A 252 -21.23 -24.44 -2.26
C ALA A 252 -22.50 -25.31 -2.16
N TRP A 253 -23.69 -24.68 -2.12
CA TRP A 253 -24.97 -25.45 -2.04
C TRP A 253 -25.41 -26.00 -3.39
N GLY A 254 -24.76 -25.53 -4.45
CA GLY A 254 -25.21 -25.83 -5.79
C GLY A 254 -26.05 -24.74 -6.41
N LYS A 255 -25.89 -24.56 -7.72
CA LYS A 255 -26.63 -23.55 -8.48
C LYS A 255 -28.12 -23.59 -8.26
N ASP A 256 -28.67 -24.78 -8.02
CA ASP A 256 -30.11 -24.91 -7.88
C ASP A 256 -30.60 -24.73 -6.46
N HIS A 257 -29.69 -24.41 -5.54
CA HIS A 257 -30.08 -24.42 -4.13
C HIS A 257 -29.70 -23.12 -3.42
N GLU A 258 -29.66 -22.03 -4.16
CA GLU A 258 -29.41 -20.72 -3.56
C GLU A 258 -30.43 -20.44 -2.45
N LYS A 259 -31.72 -20.66 -2.72
CA LYS A 259 -32.72 -20.51 -1.65
C LYS A 259 -32.43 -21.30 -0.37
N ASP A 260 -32.05 -22.56 -0.54
CA ASP A 260 -31.60 -23.35 0.59
C ASP A 260 -30.46 -22.69 1.38
N ALA A 261 -29.48 -22.15 0.66
CA ALA A 261 -28.34 -21.53 1.30
C ALA A 261 -28.84 -20.28 2.04
N PHE A 262 -29.65 -19.46 1.41
CA PHE A 262 -30.17 -18.25 2.07
C PHE A 262 -30.94 -18.63 3.34
N GLU A 263 -31.87 -19.56 3.18
CA GLU A 263 -32.71 -19.98 4.29
C GLU A 263 -31.86 -20.50 5.48
N HIS A 264 -30.92 -21.40 5.20
CA HIS A 264 -29.98 -21.91 6.19
C HIS A 264 -29.21 -20.78 6.90
N ILE A 265 -28.68 -19.86 6.12
CA ILE A 265 -27.88 -18.78 6.70
C ILE A 265 -28.69 -17.83 7.62
N VAL A 266 -29.86 -17.38 7.18
CA VAL A 266 -30.62 -16.41 7.97
C VAL A 266 -31.21 -17.10 9.23
N THR A 267 -31.32 -18.42 9.17
CA THR A 267 -31.86 -19.17 10.29
C THR A 267 -30.78 -19.44 11.29
N GLN A 268 -29.56 -19.68 10.79
CA GLN A 268 -28.42 -19.79 11.67
C GLN A 268 -28.21 -18.52 12.48
N PHE A 269 -28.44 -17.37 11.84
CA PHE A 269 -28.13 -16.08 12.48
C PHE A 269 -29.48 -15.33 12.62
N SER A 270 -30.45 -15.94 13.34
CA SER A 270 -31.84 -15.45 13.35
C SER A 270 -32.04 -14.25 14.29
N SER A 271 -31.14 -14.09 15.25
CA SER A 271 -31.31 -13.08 16.25
C SER A 271 -30.17 -12.11 16.29
N VAL A 272 -29.31 -12.10 15.26
CA VAL A 272 -28.31 -11.01 15.16
C VAL A 272 -28.43 -10.35 13.75
N PRO A 273 -27.81 -9.17 13.50
CA PRO A 273 -27.85 -8.74 12.10
C PRO A 273 -27.08 -9.72 11.21
N VAL A 274 -27.53 -9.89 9.96
CA VAL A 274 -26.80 -10.81 9.08
C VAL A 274 -26.84 -10.25 7.70
N SER A 275 -25.69 -10.22 7.03
CA SER A 275 -25.65 -9.70 5.69
C SER A 275 -25.46 -10.87 4.74
N VAL A 276 -26.21 -10.90 3.62
CA VAL A 276 -26.18 -12.00 2.67
C VAL A 276 -25.99 -11.51 1.25
N VAL A 277 -24.82 -11.82 0.70
CA VAL A 277 -24.52 -11.54 -0.71
C VAL A 277 -25.49 -12.23 -1.64
N SER A 278 -26.10 -11.45 -2.51
CA SER A 278 -27.29 -11.94 -3.23
C SER A 278 -27.14 -11.98 -4.74
N ASP A 279 -25.90 -11.81 -5.25
CA ASP A 279 -25.72 -11.68 -6.67
C ASP A 279 -24.94 -12.85 -7.28
N SER A 280 -24.90 -14.01 -6.63
CA SER A 280 -24.12 -15.13 -7.15
C SER A 280 -24.55 -15.48 -8.58
N TYR A 281 -25.87 -15.49 -8.78
CA TYR A 281 -26.40 -15.80 -10.12
C TYR A 281 -27.20 -14.70 -10.76
N ASP A 282 -28.16 -14.15 -10.03
CA ASP A 282 -29.01 -13.07 -10.54
C ASP A 282 -29.54 -12.38 -9.31
N ILE A 283 -28.88 -11.28 -8.96
CA ILE A 283 -29.29 -10.42 -7.87
C ILE A 283 -30.77 -9.99 -7.92
N TYR A 284 -31.30 -9.74 -9.12
CA TYR A 284 -32.64 -9.16 -9.18
C TYR A 284 -33.67 -10.24 -8.95
N ASN A 285 -33.38 -11.44 -9.43
CA ASN A 285 -34.22 -12.59 -9.11
C ASN A 285 -34.19 -12.89 -7.62
N ALA A 286 -32.99 -12.85 -7.03
CA ALA A 286 -32.82 -13.17 -5.62
C ALA A 286 -33.62 -12.21 -4.74
N CYS A 287 -33.61 -10.93 -5.10
CA CYS A 287 -34.37 -9.95 -4.32
C CYS A 287 -35.86 -10.09 -4.55
N GLU A 288 -36.26 -10.26 -5.80
CA GLU A 288 -37.67 -10.25 -6.07
C GLU A 288 -38.36 -11.60 -5.73
N LYS A 289 -37.76 -12.72 -6.13
CA LYS A 289 -38.43 -14.02 -5.95
C LYS A 289 -38.02 -14.73 -4.68
N ILE A 290 -36.73 -14.72 -4.35
CA ILE A 290 -36.19 -15.57 -3.26
C ILE A 290 -36.46 -14.85 -1.93
N TRP A 291 -35.96 -13.61 -1.81
CA TRP A 291 -36.21 -12.89 -0.61
C TRP A 291 -37.60 -12.32 -0.58
N GLY A 292 -38.08 -11.84 -1.72
CA GLY A 292 -39.31 -11.09 -1.76
C GLY A 292 -40.59 -11.91 -1.80
N GLU A 293 -40.42 -13.22 -2.02
CA GLU A 293 -41.54 -14.18 -2.03
C GLU A 293 -41.24 -15.48 -1.27
N ASP A 294 -40.38 -16.34 -1.80
CA ASP A 294 -40.12 -17.65 -1.19
C ASP A 294 -39.74 -17.60 0.28
N LEU A 295 -38.87 -16.65 0.66
CA LEU A 295 -38.30 -16.56 2.01
C LEU A 295 -38.75 -15.30 2.78
N ARG A 296 -39.66 -14.56 2.18
CA ARG A 296 -40.20 -13.37 2.83
C ARG A 296 -40.66 -13.59 4.27
N HIS A 297 -41.23 -14.77 4.57
CA HIS A 297 -41.80 -15.03 5.90
C HIS A 297 -40.69 -15.11 6.96
N LEU A 298 -39.45 -15.29 6.52
CA LEU A 298 -38.29 -15.41 7.42
C LEU A 298 -37.61 -14.07 7.64
N ILE A 299 -38.01 -13.09 6.86
CA ILE A 299 -37.42 -11.78 6.93
C ILE A 299 -38.39 -10.89 7.72
N VAL A 300 -39.69 -10.95 7.39
CA VAL A 300 -40.64 -10.01 8.08
C VAL A 300 -40.82 -10.24 9.58
N SER A 301 -40.28 -11.34 10.08
CA SER A 301 -40.38 -11.78 11.46
C SER A 301 -39.16 -11.29 12.25
N ARG A 302 -38.19 -10.70 11.57
CA ARG A 302 -36.93 -10.38 12.25
C ARG A 302 -37.01 -9.13 13.12
N SER A 303 -36.18 -9.10 14.18
CA SER A 303 -36.04 -7.94 15.07
C SER A 303 -35.37 -6.73 14.42
N THR A 304 -35.81 -5.52 14.78
CA THR A 304 -35.13 -4.28 14.31
C THR A 304 -33.66 -4.28 14.68
N GLN A 305 -33.32 -4.96 15.76
CA GLN A 305 -31.91 -5.15 16.12
C GLN A 305 -31.24 -6.27 15.35
N ALA A 306 -31.98 -6.99 14.51
CA ALA A 306 -31.40 -8.14 13.73
C ALA A 306 -31.88 -8.20 12.30
N PRO A 307 -31.68 -7.09 11.56
CA PRO A 307 -32.18 -7.05 10.19
C PRO A 307 -31.43 -8.06 9.28
N LEU A 308 -32.07 -8.45 8.18
CA LEU A 308 -31.34 -8.94 6.99
C LEU A 308 -30.76 -7.74 6.23
N ILE A 309 -29.46 -7.81 5.91
CA ILE A 309 -28.84 -6.79 5.10
C ILE A 309 -28.45 -7.41 3.75
N ILE A 310 -29.18 -7.07 2.69
CA ILE A 310 -28.96 -7.70 1.39
C ILE A 310 -27.77 -7.02 0.77
N ARG A 311 -26.87 -7.80 0.21
CA ARG A 311 -25.66 -7.23 -0.40
C ARG A 311 -25.52 -7.59 -1.88
N PRO A 312 -25.79 -6.61 -2.75
CA PRO A 312 -25.40 -6.82 -4.13
C PRO A 312 -23.90 -6.64 -4.25
N ASP A 313 -23.27 -7.17 -5.30
CA ASP A 313 -21.80 -7.10 -5.39
C ASP A 313 -21.27 -7.05 -6.81
N SER A 314 -22.11 -6.61 -7.74
CA SER A 314 -21.68 -6.48 -9.15
C SER A 314 -22.61 -5.53 -9.87
N GLY A 315 -22.21 -5.14 -11.07
CA GLY A 315 -23.02 -4.23 -11.87
C GLY A 315 -22.69 -2.80 -11.52
N ASN A 316 -23.28 -1.88 -12.26
CA ASN A 316 -23.04 -0.49 -12.01
C ASN A 316 -23.48 -0.20 -10.59
N PRO A 317 -22.58 0.29 -9.72
CA PRO A 317 -22.98 0.46 -8.29
C PRO A 317 -24.26 1.28 -8.08
N LEU A 318 -24.36 2.44 -8.71
CA LEU A 318 -25.56 3.25 -8.59
C LEU A 318 -26.77 2.56 -9.16
N ASP A 319 -26.70 2.10 -10.40
CA ASP A 319 -27.89 1.47 -11.03
C ASP A 319 -28.35 0.26 -10.25
N THR A 320 -27.40 -0.50 -9.72
CA THR A 320 -27.76 -1.69 -9.00
C THR A 320 -28.44 -1.34 -7.67
N VAL A 321 -27.85 -0.45 -6.87
CA VAL A 321 -28.53 -0.02 -5.63
C VAL A 321 -29.96 0.46 -5.88
N LEU A 322 -30.13 1.35 -6.85
CA LEU A 322 -31.50 1.86 -7.19
C LEU A 322 -32.48 0.77 -7.61
N LYS A 323 -32.04 -0.14 -8.44
CA LYS A 323 -32.91 -1.24 -8.86
C LYS A 323 -33.20 -2.19 -7.70
N VAL A 324 -32.21 -2.46 -6.83
CA VAL A 324 -32.48 -3.32 -5.69
C VAL A 324 -33.52 -2.64 -4.75
N LEU A 325 -33.33 -1.35 -4.47
CA LEU A 325 -34.33 -0.60 -3.67
C LEU A 325 -35.71 -0.60 -4.34
N GLU A 326 -35.79 -0.34 -5.65
CA GLU A 326 -37.11 -0.43 -6.33
C GLU A 326 -37.77 -1.83 -6.15
N ILE A 327 -37.01 -2.89 -6.35
CA ILE A 327 -37.52 -4.26 -6.18
C ILE A 327 -38.02 -4.49 -4.77
N LEU A 328 -37.18 -4.16 -3.77
CA LEU A 328 -37.61 -4.42 -2.39
C LEU A 328 -38.79 -3.56 -2.00
N GLY A 329 -38.87 -2.34 -2.51
CA GLY A 329 -39.93 -1.46 -2.14
C GLY A 329 -41.28 -1.99 -2.59
N LYS A 330 -41.27 -2.85 -3.61
CA LYS A 330 -42.54 -3.41 -4.12
C LYS A 330 -42.93 -4.74 -3.44
N LYS A 331 -41.97 -5.38 -2.80
CA LYS A 331 -42.23 -6.64 -2.11
C LYS A 331 -42.37 -6.50 -0.59
N PHE A 332 -41.94 -5.34 -0.08
CA PHE A 332 -41.96 -5.10 1.36
C PHE A 332 -42.65 -3.80 1.74
N PRO A 333 -43.19 -3.73 2.94
CA PRO A 333 -43.90 -2.46 3.18
C PRO A 333 -42.99 -1.27 3.50
N VAL A 334 -43.03 -0.27 2.64
CA VAL A 334 -42.17 0.91 2.80
C VAL A 334 -42.99 2.04 3.42
N THR A 335 -42.35 2.85 4.27
CA THR A 335 -43.01 4.04 4.78
C THR A 335 -42.35 5.30 4.22
N GLU A 336 -42.92 6.45 4.54
CA GLU A 336 -42.35 7.71 4.13
C GLU A 336 -42.05 8.43 5.41
N ASN A 337 -40.78 8.78 5.61
CA ASN A 337 -40.40 9.41 6.86
C ASN A 337 -40.80 10.89 6.87
N SER A 338 -40.44 11.59 7.93
CA SER A 338 -40.95 12.93 8.12
C SER A 338 -40.33 13.94 7.17
N LYS A 339 -39.25 13.54 6.50
CA LYS A 339 -38.63 14.42 5.50
C LYS A 339 -39.12 14.11 4.08
N GLY A 340 -39.93 13.06 3.94
CA GLY A 340 -40.53 12.78 2.65
C GLY A 340 -39.83 11.66 1.87
N TYR A 341 -38.84 11.03 2.52
CA TYR A 341 -38.08 9.97 1.89
C TYR A 341 -38.61 8.59 2.26
N LYS A 342 -38.41 7.63 1.38
CA LYS A 342 -38.91 6.30 1.54
C LYS A 342 -37.94 5.49 2.39
N LEU A 343 -38.52 4.63 3.21
CA LEU A 343 -37.79 3.90 4.22
C LEU A 343 -38.27 2.46 4.26
N LEU A 344 -37.35 1.54 4.00
CA LEU A 344 -37.62 0.08 4.10
C LEU A 344 -38.07 -0.25 5.50
N PRO A 345 -38.76 -1.39 5.68
CA PRO A 345 -39.05 -1.73 7.08
C PRO A 345 -37.76 -2.03 7.86
N PRO A 346 -37.80 -1.85 9.18
CA PRO A 346 -36.59 -1.93 10.00
C PRO A 346 -35.85 -3.29 9.98
N TYR A 347 -36.48 -4.35 9.50
CA TYR A 347 -35.87 -5.67 9.52
C TYR A 347 -35.11 -5.93 8.20
N LEU A 348 -35.08 -4.92 7.31
CA LEU A 348 -34.44 -5.02 5.99
C LEU A 348 -33.60 -3.80 5.58
N ARG A 349 -32.34 -4.06 5.27
CA ARG A 349 -31.44 -2.98 4.91
C ARG A 349 -30.57 -3.52 3.78
N VAL A 350 -29.76 -2.63 3.19
CA VAL A 350 -28.92 -3.00 2.04
C VAL A 350 -27.51 -2.48 2.29
N ILE A 351 -26.51 -3.22 1.79
CA ILE A 351 -25.13 -2.72 1.90
C ILE A 351 -24.56 -2.84 0.50
N GLN A 352 -23.93 -1.76 0.01
CA GLN A 352 -23.24 -1.83 -1.29
C GLN A 352 -21.76 -1.94 -0.99
N GLY A 353 -21.22 -3.13 -1.27
CA GLY A 353 -19.85 -3.44 -0.95
C GLY A 353 -18.86 -3.61 -2.12
N ASP A 354 -19.29 -3.25 -3.33
CA ASP A 354 -18.50 -3.36 -4.56
C ASP A 354 -18.30 -1.99 -5.25
N GLY A 355 -17.08 -1.71 -5.64
CA GLY A 355 -16.78 -0.53 -6.42
C GLY A 355 -16.94 0.78 -5.68
N VAL A 356 -16.88 0.77 -4.37
CA VAL A 356 -17.00 2.02 -3.61
C VAL A 356 -15.70 2.73 -3.31
N ASP A 357 -15.67 4.00 -3.74
CA ASP A 357 -14.64 4.94 -3.34
C ASP A 357 -15.34 6.27 -3.08
N ILE A 358 -14.61 7.33 -2.75
CA ILE A 358 -15.25 8.57 -2.39
C ILE A 358 -16.10 9.13 -3.53
N ASN A 359 -15.67 8.93 -4.79
CA ASN A 359 -16.43 9.48 -5.90
C ASN A 359 -17.74 8.70 -6.10
N THR A 360 -17.65 7.38 -6.07
CA THR A 360 -18.89 6.59 -6.30
C THR A 360 -19.85 6.62 -5.11
N LEU A 361 -19.31 6.75 -3.91
CA LEU A 361 -20.11 6.93 -2.70
C LEU A 361 -21.00 8.17 -2.88
N GLN A 362 -20.37 9.25 -3.32
CA GLN A 362 -21.09 10.46 -3.55
C GLN A 362 -22.20 10.27 -4.64
N GLU A 363 -21.85 9.63 -5.76
CA GLU A 363 -22.84 9.39 -6.84
C GLU A 363 -24.04 8.59 -6.36
N ILE A 364 -23.77 7.62 -5.47
CA ILE A 364 -24.86 6.72 -5.02
C ILE A 364 -25.80 7.50 -4.13
N VAL A 365 -25.26 8.23 -3.13
CA VAL A 365 -26.17 8.88 -2.17
C VAL A 365 -26.94 9.96 -2.90
N GLU A 366 -26.30 10.59 -3.88
CA GLU A 366 -27.01 11.66 -4.59
C GLU A 366 -28.09 11.04 -5.46
N GLY A 367 -27.79 9.87 -6.03
CA GLY A 367 -28.73 9.12 -6.85
C GLY A 367 -29.93 8.70 -6.00
N MET A 368 -29.66 8.18 -4.80
CA MET A 368 -30.74 7.77 -3.88
C MET A 368 -31.60 8.95 -3.51
N LYS A 369 -30.97 10.10 -3.27
CA LYS A 369 -31.74 11.26 -2.89
C LYS A 369 -32.65 11.68 -4.04
N GLN A 370 -32.17 11.59 -5.27
CA GLN A 370 -33.00 12.03 -6.40
C GLN A 370 -34.20 11.12 -6.56
N LYS A 371 -34.05 9.85 -6.19
CA LYS A 371 -35.12 8.92 -6.34
C LYS A 371 -35.90 8.79 -5.03
N MET A 372 -35.69 9.72 -4.09
CA MET A 372 -36.47 9.80 -2.83
C MET A 372 -36.26 8.64 -1.85
N TRP A 373 -35.07 8.06 -1.86
CA TRP A 373 -34.75 6.95 -0.95
C TRP A 373 -33.92 7.49 0.17
N SER A 374 -34.32 7.26 1.40
CA SER A 374 -33.49 7.80 2.50
C SER A 374 -32.13 7.09 2.63
N ILE A 375 -31.09 7.81 3.05
CA ILE A 375 -29.76 7.22 3.23
C ILE A 375 -29.80 6.30 4.45
N GLU A 376 -30.88 6.39 5.23
CA GLU A 376 -31.00 5.42 6.33
C GLU A 376 -31.17 3.93 5.85
N ASN A 377 -31.53 3.74 4.58
CA ASN A 377 -31.69 2.40 3.97
C ASN A 377 -30.40 1.63 3.71
N ILE A 378 -29.30 2.36 3.67
CA ILE A 378 -28.09 1.85 3.01
C ILE A 378 -26.84 1.99 3.86
N ALA A 379 -25.82 1.16 3.61
CA ALA A 379 -24.50 1.30 4.22
C ALA A 379 -23.57 0.88 3.13
N PHE A 380 -22.31 1.18 3.33
CA PHE A 380 -21.33 0.91 2.26
C PHE A 380 -20.18 0.18 2.84
N GLY A 381 -19.59 -0.68 1.99
CA GLY A 381 -18.39 -1.44 2.27
C GLY A 381 -17.36 -0.94 1.23
N SER A 382 -16.14 -0.72 1.70
CA SER A 382 -15.09 -0.26 0.76
C SER A 382 -13.81 -0.94 1.18
N GLY A 383 -13.10 -1.46 0.18
CA GLY A 383 -11.91 -2.25 0.41
C GLY A 383 -10.70 -1.53 -0.20
N GLY A 384 -10.39 -1.81 -1.45
CA GLY A 384 -9.25 -1.14 -2.07
C GLY A 384 -9.37 0.39 -2.13
N GLY A 385 -10.57 0.89 -2.41
CA GLY A 385 -10.79 2.32 -2.46
C GLY A 385 -10.48 3.02 -1.14
N LEU A 386 -10.80 2.34 -0.05
CA LEU A 386 -10.62 2.88 1.29
C LEU A 386 -9.19 2.82 1.78
N LEU A 387 -8.50 1.73 1.48
CA LEU A 387 -7.24 1.45 2.19
C LEU A 387 -6.04 1.31 1.19
N GLN A 388 -6.30 1.11 -0.11
CA GLN A 388 -5.18 0.91 -1.02
C GLN A 388 -5.03 1.94 -2.12
N LYS A 389 -6.14 2.48 -2.61
CA LYS A 389 -6.13 3.39 -3.75
C LYS A 389 -5.85 4.85 -3.31
N LEU A 390 -4.71 5.01 -2.65
CA LEU A 390 -4.28 6.30 -2.12
C LEU A 390 -2.78 6.35 -2.30
N THR A 391 -2.24 7.56 -2.50
CA THR A 391 -0.78 7.74 -2.58
C THR A 391 -0.37 9.00 -1.89
N ARG A 392 0.93 9.16 -1.80
CA ARG A 392 1.51 10.30 -1.08
C ARG A 392 1.25 11.61 -1.82
N ASP A 393 0.93 11.52 -3.10
CA ASP A 393 0.59 12.70 -3.91
C ASP A 393 -0.80 13.28 -3.61
N LEU A 394 -1.69 12.49 -3.04
CA LEU A 394 -3.04 12.99 -2.82
C LEU A 394 -3.02 14.25 -1.95
N LEU A 395 -2.27 14.23 -0.87
CA LEU A 395 -2.22 15.39 0.01
C LEU A 395 -0.85 16.02 0.00
N ASN A 396 -0.02 15.65 -0.96
CA ASN A 396 1.34 16.18 -1.11
C ASN A 396 2.16 16.14 0.17
N CYS A 397 2.18 14.94 0.76
CA CYS A 397 2.86 14.73 2.05
C CYS A 397 4.38 14.77 1.80
N SER A 398 5.05 15.63 2.57
CA SER A 398 6.40 16.00 2.23
C SER A 398 7.24 16.47 3.41
N PHE A 399 8.52 16.09 3.39
CA PHE A 399 9.43 16.36 4.51
C PHE A 399 10.65 17.10 3.93
N LYS A 400 10.95 18.26 4.48
CA LYS A 400 12.03 19.14 3.96
C LYS A 400 12.79 19.80 5.11
N CYS A 401 14.10 20.01 4.88
CA CYS A 401 14.92 20.82 5.76
C CYS A 401 14.58 22.30 5.60
N SER A 402 14.34 22.99 6.74
CA SER A 402 14.06 24.45 6.74
C SER A 402 15.09 25.30 7.47
N TYR A 403 15.95 24.68 8.27
CA TYR A 403 16.85 25.46 9.13
C TYR A 403 18.09 24.66 9.43
N VAL A 404 19.24 25.30 9.27
N VAL A 404 19.24 25.25 9.19
CA VAL A 404 20.52 24.68 9.56
CA VAL A 404 20.46 24.66 9.72
C VAL A 404 21.43 25.66 10.31
C VAL A 404 21.25 25.68 10.52
N VAL A 405 22.19 25.16 11.28
CA VAL A 405 23.20 25.97 11.96
C VAL A 405 24.59 25.53 11.42
N THR A 406 25.36 26.47 10.86
CA THR A 406 26.68 26.15 10.32
C THR A 406 27.62 27.20 10.88
N ASN A 407 28.79 26.78 11.36
CA ASN A 407 29.71 27.73 12.01
C ASN A 407 29.06 28.54 13.14
N GLY A 408 28.06 27.93 13.78
CA GLY A 408 27.33 28.56 14.85
C GLY A 408 26.30 29.64 14.49
N LEU A 409 26.09 29.83 13.19
CA LEU A 409 25.16 30.80 12.61
C LEU A 409 23.94 30.04 12.02
N GLY A 410 22.71 30.37 12.43
CA GLY A 410 21.54 29.69 11.87
C GLY A 410 21.25 30.29 10.53
N ILE A 411 20.87 29.49 9.53
CA ILE A 411 20.32 30.08 8.32
C ILE A 411 19.02 29.37 7.87
N ASN A 412 18.15 30.16 7.26
CA ASN A 412 16.84 29.65 6.88
C ASN A 412 16.95 29.15 5.47
N VAL A 413 16.67 27.86 5.26
CA VAL A 413 16.87 27.27 3.96
C VAL A 413 15.58 26.62 3.39
N PHE A 414 15.59 26.38 2.09
CA PHE A 414 14.37 26.02 1.36
C PHE A 414 14.74 25.66 -0.06
N LYS A 415 13.80 25.00 -0.73
CA LYS A 415 13.88 24.80 -2.17
C LYS A 415 12.79 25.66 -2.81
N ASP A 416 12.98 26.04 -4.05
CA ASP A 416 12.00 26.86 -4.75
C ASP A 416 12.18 26.63 -6.27
N PRO A 417 11.77 25.44 -6.75
CA PRO A 417 12.16 25.09 -8.11
C PRO A 417 11.45 26.02 -9.05
N VAL A 418 12.17 26.51 -10.07
CA VAL A 418 11.68 27.54 -11.02
C VAL A 418 10.40 27.15 -11.73
N ALA A 419 10.26 25.88 -12.09
CA ALA A 419 9.15 25.45 -12.89
C ALA A 419 8.00 24.89 -12.06
N ASP A 420 8.07 24.97 -10.73
CA ASP A 420 6.90 24.49 -9.95
C ASP A 420 6.83 25.14 -8.56
N PRO A 421 6.20 26.30 -8.48
CA PRO A 421 6.00 27.03 -7.22
C PRO A 421 5.32 26.18 -6.13
N ASN A 422 4.56 25.16 -6.52
CA ASN A 422 3.82 24.39 -5.55
C ASN A 422 4.80 23.58 -4.75
N LYS A 423 6.03 23.43 -5.26
CA LYS A 423 7.03 22.65 -4.50
C LYS A 423 7.98 23.49 -3.59
N ARG A 424 7.80 24.81 -3.62
CA ARG A 424 8.60 25.66 -2.74
C ARG A 424 8.36 25.23 -1.31
N SER A 425 9.44 25.12 -0.54
CA SER A 425 9.31 24.72 0.87
C SER A 425 9.39 25.88 1.86
N LYS A 426 8.98 25.65 3.11
CA LYS A 426 9.03 26.77 4.12
C LYS A 426 10.44 27.10 4.63
N LYS A 427 10.60 28.27 5.24
CA LYS A 427 11.95 28.76 5.64
C LYS A 427 12.12 28.92 7.13
N GLY A 428 13.26 28.44 7.66
CA GLY A 428 13.61 28.63 9.06
C GLY A 428 12.83 27.82 10.09
N ARG A 429 12.94 28.26 11.34
CA ARG A 429 12.26 27.55 12.42
C ARG A 429 10.78 27.84 12.36
N LEU A 430 9.97 26.78 12.53
CA LEU A 430 8.52 26.86 12.33
C LEU A 430 7.75 26.66 13.64
N SER A 431 6.55 27.23 13.68
CA SER A 431 5.59 26.95 14.74
C SER A 431 4.16 27.08 14.20
N LEU A 432 3.22 26.38 14.83
CA LEU A 432 1.80 26.38 14.44
C LEU A 432 0.93 27.15 15.47
N HIS A 433 0.08 28.07 15.01
CA HIS A 433 -0.67 28.91 15.96
C HIS A 433 -2.13 29.02 15.57
N ARG A 434 -2.99 29.32 16.55
CA ARG A 434 -4.38 29.73 16.31
C ARG A 434 -4.32 31.19 15.88
N THR A 435 -5.10 31.50 14.85
CA THR A 435 -5.26 32.90 14.42
C THR A 435 -6.28 33.62 15.27
N PRO A 436 -6.43 34.96 15.08
CA PRO A 436 -7.47 35.63 15.86
C PRO A 436 -8.88 35.13 15.53
N ALA A 437 -9.13 34.71 14.29
CA ALA A 437 -10.43 34.15 13.92
C ALA A 437 -10.56 32.68 14.30
N GLY A 438 -9.51 32.11 14.86
CA GLY A 438 -9.55 30.73 15.35
C GLY A 438 -9.14 29.67 14.33
N ASN A 439 -8.50 30.09 13.25
CA ASN A 439 -7.94 29.16 12.27
C ASN A 439 -6.50 28.86 12.59
N PHE A 440 -5.80 28.27 11.63
CA PHE A 440 -4.41 27.92 11.85
C PHE A 440 -3.49 28.74 10.99
N VAL A 441 -2.31 29.03 11.51
CA VAL A 441 -1.26 29.63 10.67
C VAL A 441 0.08 29.05 11.09
N THR A 442 0.94 28.77 10.12
CA THR A 442 2.31 28.40 10.42
C THR A 442 3.20 29.64 10.26
N LEU A 443 4.00 29.91 11.29
CA LEU A 443 4.94 31.04 11.31
C LEU A 443 6.31 30.52 10.88
N GLU A 444 6.92 31.21 9.92
CA GLU A 444 8.27 30.87 9.48
C GLU A 444 9.34 31.79 10.08
N GLU A 445 10.61 31.46 9.79
CA GLU A 445 11.75 32.31 10.16
C GLU A 445 11.87 32.59 11.65
N GLY A 446 11.36 31.68 12.49
CA GLY A 446 11.49 31.77 13.93
C GLY A 446 10.55 32.80 14.52
N LYS A 447 9.62 33.28 13.72
CA LYS A 447 8.77 34.41 14.09
C LYS A 447 7.79 34.07 15.22
N GLY A 448 7.56 32.77 15.47
CA GLY A 448 6.81 32.34 16.64
C GLY A 448 7.40 32.90 17.93
N ASP A 449 8.72 33.09 17.97
CA ASP A 449 9.38 33.58 19.20
C ASP A 449 8.98 35.00 19.61
N LEU A 450 8.43 35.75 18.68
CA LEU A 450 7.94 37.09 18.95
C LEU A 450 6.69 37.09 19.82
N GLU A 451 6.04 35.94 19.96
CA GLU A 451 4.90 35.78 20.87
C GLU A 451 3.70 36.64 20.50
N GLU A 452 3.49 36.86 19.19
CA GLU A 452 2.38 37.66 18.71
C GLU A 452 1.11 36.85 18.50
N TYR A 453 1.27 35.52 18.51
CA TYR A 453 0.15 34.59 18.44
C TYR A 453 0.15 33.88 19.80
N GLY A 454 -0.83 33.01 20.05
CA GLY A 454 -0.84 32.30 21.32
C GLY A 454 0.36 31.32 21.34
N GLN A 455 0.23 30.29 22.14
CA GLN A 455 1.30 29.34 22.28
C GLN A 455 1.41 28.47 21.00
N ASP A 456 2.63 27.97 20.75
CA ASP A 456 2.85 26.98 19.68
C ASP A 456 2.00 25.69 19.96
N LEU A 457 1.21 25.27 18.96
CA LEU A 457 0.39 24.03 18.99
C LEU A 457 1.16 22.73 18.76
N LEU A 458 2.42 22.82 18.35
CA LEU A 458 3.27 21.63 18.35
C LEU A 458 3.79 21.33 19.71
N HIS A 459 3.78 20.05 20.05
CA HIS A 459 4.22 19.62 21.38
C HIS A 459 5.34 18.59 21.20
N THR A 460 6.31 18.56 22.10
CA THR A 460 7.34 17.54 22.04
C THR A 460 6.73 16.16 22.28
N VAL A 461 6.84 15.27 21.27
CA VAL A 461 6.33 13.92 21.40
C VAL A 461 7.44 12.87 21.51
N PHE A 462 8.67 13.24 21.16
CA PHE A 462 9.80 12.31 21.22
C PHE A 462 11.04 13.15 21.49
N LYS A 463 11.86 12.65 22.43
CA LYS A 463 13.12 13.35 22.71
C LYS A 463 14.12 12.32 23.25
N ASN A 464 15.29 12.25 22.61
CA ASN A 464 16.38 11.40 23.07
C ASN A 464 15.96 9.96 23.41
N GLY A 465 15.14 9.37 22.53
CA GLY A 465 14.85 7.94 22.57
C GLY A 465 13.58 7.62 23.38
N LYS A 466 12.93 8.65 23.87
CA LYS A 466 11.78 8.43 24.72
C LYS A 466 10.57 9.15 24.16
N VAL A 467 9.43 8.46 24.18
CA VAL A 467 8.17 9.08 23.79
C VAL A 467 7.67 9.95 24.97
N THR A 468 7.41 11.23 24.70
CA THR A 468 7.20 12.17 25.79
C THR A 468 5.76 12.62 25.98
N LYS A 469 4.92 12.35 25.01
CA LYS A 469 3.55 12.81 25.07
C LYS A 469 2.81 11.88 24.15
N SER A 470 1.74 11.26 24.67
CA SER A 470 0.96 10.22 23.96
C SER A 470 -0.53 10.53 24.00
N TYR A 471 -1.27 9.99 23.03
CA TYR A 471 -2.72 10.17 22.94
C TYR A 471 -3.48 8.86 22.95
N SER A 472 -4.62 8.84 23.60
CA SER A 472 -5.46 7.67 23.49
C SER A 472 -6.24 7.70 22.18
N PHE A 473 -6.71 6.54 21.77
CA PHE A 473 -7.52 6.50 20.56
C PHE A 473 -8.84 7.32 20.82
N ASP A 474 -9.28 7.34 22.06
CA ASP A 474 -10.50 8.05 22.39
C ASP A 474 -10.35 9.55 22.19
N GLU A 475 -9.23 10.11 22.61
CA GLU A 475 -8.90 11.51 22.38
C GLU A 475 -8.78 11.81 20.89
N ILE A 476 -8.13 10.90 20.19
CA ILE A 476 -7.98 11.13 18.76
C ILE A 476 -9.33 11.20 18.02
N ARG A 477 -10.22 10.26 18.30
CA ARG A 477 -11.61 10.28 17.79
C ARG A 477 -12.29 11.63 18.12
N LYS A 478 -12.08 12.13 19.35
CA LYS A 478 -12.66 13.42 19.77
C LYS A 478 -12.16 14.54 18.90
N ASN A 479 -10.85 14.54 18.64
CA ASN A 479 -10.24 15.61 17.90
C ASN A 479 -10.71 15.62 16.44
N ALA A 480 -10.99 14.43 15.90
CA ALA A 480 -11.32 14.31 14.48
C ALA A 480 -12.81 14.41 14.18
N GLN A 481 -13.62 14.75 15.19
CA GLN A 481 -15.08 14.91 14.96
C GLN A 481 -15.47 15.90 13.86
N LEU A 482 -16.55 15.63 13.15
CA LEU A 482 -17.07 16.51 12.12
C LEU A 482 -17.72 17.72 12.83
N ASN A 483 -17.71 18.87 12.17
CA ASN A 483 -18.42 20.04 12.69
C ASN A 483 -19.93 19.71 12.90
N ILE A 484 -20.56 19.01 11.96
CA ILE A 484 -22.00 18.67 12.18
C ILE A 484 -22.26 17.75 13.37
N GLU A 485 -21.30 16.87 13.72
CA GLU A 485 -21.38 16.06 14.94
C GLU A 485 -21.28 16.94 16.20
N LEU A 486 -20.35 17.88 16.16
CA LEU A 486 -20.17 18.83 17.23
C LEU A 486 -21.47 19.63 17.43
N GLU A 487 -22.10 20.02 16.32
CA GLU A 487 -23.39 20.72 16.34
C GLU A 487 -24.54 19.85 16.90
N ALA A 488 -24.39 18.54 16.79
CA ALA A 488 -25.32 17.64 17.46
C ALA A 488 -24.88 17.45 18.92
N GLU B 8 3.30 -10.93 18.52
CA GLU B 8 3.46 -12.04 17.60
C GLU B 8 2.22 -12.21 16.72
N PHE B 9 2.46 -12.52 15.44
CA PHE B 9 1.38 -12.74 14.48
C PHE B 9 0.51 -13.90 14.88
N ASN B 10 -0.80 -13.69 14.76
CA ASN B 10 -1.79 -14.71 15.07
C ASN B 10 -2.74 -14.96 13.88
N ILE B 11 -2.61 -16.10 13.22
CA ILE B 11 -3.38 -16.46 12.02
C ILE B 11 -4.92 -16.53 12.25
N LEU B 12 -5.31 -16.73 13.51
CA LEU B 12 -6.68 -16.71 13.92
C LEU B 12 -7.25 -15.29 13.93
N LEU B 13 -6.34 -14.30 13.94
CA LEU B 13 -6.73 -12.88 13.86
C LEU B 13 -6.34 -12.23 12.51
N ALA B 14 -6.04 -13.02 11.48
CA ALA B 14 -5.56 -12.47 10.21
C ALA B 14 -6.48 -12.87 9.05
N THR B 15 -7.77 -12.81 9.29
CA THR B 15 -8.78 -13.07 8.28
C THR B 15 -9.83 -11.91 8.36
N ASP B 16 -10.62 -11.75 7.31
CA ASP B 16 -11.74 -10.81 7.36
C ASP B 16 -12.69 -11.28 8.48
N SER B 17 -13.25 -10.34 9.25
CA SER B 17 -14.18 -10.69 10.31
C SER B 17 -15.24 -11.70 9.90
N TYR B 18 -15.93 -11.46 8.79
CA TYR B 18 -17.10 -12.27 8.50
C TYR B 18 -16.74 -13.75 8.28
N LYS B 19 -15.49 -14.04 7.91
CA LYS B 19 -15.06 -15.42 7.71
C LYS B 19 -15.05 -16.24 9.00
N VAL B 20 -15.07 -15.56 10.14
CA VAL B 20 -15.12 -16.24 11.41
C VAL B 20 -16.44 -16.96 11.52
N THR B 21 -17.43 -16.47 10.81
CA THR B 21 -18.78 -17.02 10.84
C THR B 21 -19.11 -17.99 9.73
N HIS B 22 -18.16 -18.24 8.83
CA HIS B 22 -18.50 -19.09 7.71
C HIS B 22 -18.65 -20.58 7.98
N TYR B 23 -18.02 -21.08 9.03
CA TYR B 23 -18.01 -22.51 9.31
C TYR B 23 -19.44 -22.97 9.55
N LYS B 24 -20.27 -22.03 10.00
CA LYS B 24 -21.68 -22.28 10.29
C LYS B 24 -22.54 -22.15 9.02
N GLN B 25 -22.01 -21.81 7.85
CA GLN B 25 -22.91 -21.53 6.69
C GLN B 25 -22.81 -22.51 5.47
N TYR B 26 -21.78 -23.35 5.46
CA TYR B 26 -21.59 -24.31 4.36
C TYR B 26 -22.67 -25.37 4.50
N PRO B 27 -22.95 -26.11 3.43
CA PRO B 27 -23.93 -27.20 3.58
C PRO B 27 -23.48 -28.16 4.68
N PRO B 28 -24.42 -28.68 5.47
CA PRO B 28 -24.13 -29.76 6.40
C PRO B 28 -23.39 -30.90 5.68
N ASN B 29 -22.42 -31.49 6.35
CA ASN B 29 -21.70 -32.67 5.84
C ASN B 29 -20.77 -32.32 4.73
N THR B 30 -20.22 -31.13 4.74
CA THR B 30 -19.20 -30.78 3.74
C THR B 30 -17.84 -31.20 4.24
N SER B 31 -17.12 -31.96 3.41
CA SER B 31 -15.81 -32.48 3.81
C SER B 31 -14.65 -31.82 3.09
N LYS B 32 -14.94 -31.11 1.99
CA LYS B 32 -13.88 -30.49 1.18
C LYS B 32 -14.34 -29.17 0.59
N VAL B 33 -13.47 -28.18 0.71
CA VAL B 33 -13.68 -26.91 0.01
C VAL B 33 -12.38 -26.68 -0.71
N TYR B 34 -12.51 -26.50 -2.03
CA TYR B 34 -11.36 -26.36 -2.94
C TYR B 34 -11.51 -25.01 -3.65
N SER B 35 -10.47 -24.17 -3.51
CA SER B 35 -10.53 -22.84 -4.06
C SER B 35 -9.29 -22.54 -4.94
N TYR B 36 -9.36 -21.51 -5.77
CA TYR B 36 -8.20 -21.13 -6.64
C TYR B 36 -8.01 -19.62 -6.76
N PHE B 37 -6.82 -19.18 -7.21
CA PHE B 37 -6.54 -17.75 -7.42
C PHE B 37 -6.27 -17.58 -8.87
N GLU B 38 -6.82 -16.52 -9.48
CA GLU B 38 -6.50 -16.14 -10.85
C GLU B 38 -6.37 -14.59 -10.97
N CYS B 39 -5.73 -14.09 -12.03
CA CYS B 39 -5.83 -12.68 -12.40
C CYS B 39 -6.86 -12.67 -13.53
N ARG B 40 -8.10 -12.37 -13.18
CA ARG B 40 -9.24 -12.58 -14.07
C ARG B 40 -9.10 -11.77 -15.34
N GLU B 41 -9.54 -12.41 -16.44
CA GLU B 41 -10.23 -11.81 -17.58
C GLU B 41 -9.58 -12.17 -18.88
N VAL B 52 -3.94 0.90 -21.06
CA VAL B 52 -2.77 0.07 -20.75
C VAL B 52 -3.15 -1.41 -20.55
N LYS B 53 -2.67 -2.26 -21.45
CA LYS B 53 -2.98 -3.69 -21.40
C LYS B 53 -1.93 -4.47 -20.61
N TYR B 54 -2.40 -5.30 -19.69
CA TYR B 54 -1.58 -6.21 -18.90
C TYR B 54 -2.03 -7.65 -19.20
N GLU B 55 -1.66 -8.13 -20.37
CA GLU B 55 -2.17 -9.42 -20.84
C GLU B 55 -1.56 -10.62 -20.16
N GLU B 56 -0.40 -10.46 -19.53
CA GLU B 56 0.31 -11.58 -18.93
C GLU B 56 0.87 -11.13 -17.58
N THR B 57 0.90 -12.01 -16.58
CA THR B 57 1.30 -11.60 -15.22
C THR B 57 2.49 -12.43 -14.77
N VAL B 58 3.38 -11.82 -13.99
CA VAL B 58 4.49 -12.49 -13.37
C VAL B 58 3.98 -13.06 -12.03
N PHE B 59 4.06 -14.38 -11.81
CA PHE B 59 3.55 -14.93 -10.56
C PHE B 59 4.70 -14.86 -9.56
N TYR B 60 4.56 -14.02 -8.51
CA TYR B 60 5.66 -13.90 -7.54
C TYR B 60 5.06 -13.54 -6.19
N GLY B 61 5.61 -14.14 -5.12
CA GLY B 61 5.39 -13.63 -3.76
C GLY B 61 4.66 -14.59 -2.81
N LEU B 62 4.10 -15.67 -3.35
CA LEU B 62 3.41 -16.66 -2.52
C LEU B 62 4.41 -17.33 -1.52
N GLN B 63 5.62 -17.51 -1.96
CA GLN B 63 6.64 -18.19 -1.14
C GLN B 63 6.94 -17.42 0.16
N TYR B 64 7.06 -16.09 0.05
CA TYR B 64 7.10 -15.21 1.23
C TYR B 64 5.95 -15.53 2.20
N ILE B 65 4.73 -15.50 1.69
CA ILE B 65 3.57 -15.74 2.54
C ILE B 65 3.57 -17.13 3.16
N LEU B 66 3.83 -18.16 2.37
CA LEU B 66 3.91 -19.50 2.97
C LEU B 66 4.91 -19.60 4.15
N ASN B 67 6.11 -19.08 3.94
CA ASN B 67 7.13 -19.16 4.97
C ASN B 67 6.87 -18.25 6.14
N LYS B 68 6.40 -17.03 5.87
CA LYS B 68 6.35 -16.13 6.99
C LYS B 68 5.15 -16.36 7.86
N TYR B 69 4.04 -16.76 7.24
CA TYR B 69 2.76 -16.80 7.93
C TYR B 69 2.07 -18.16 8.07
N LEU B 70 2.31 -19.07 7.13
CA LEU B 70 1.49 -20.28 7.06
C LEU B 70 2.15 -21.54 7.56
N LYS B 71 3.48 -21.61 7.51
CA LYS B 71 4.15 -22.89 7.79
C LYS B 71 4.41 -23.16 9.27
N GLY B 72 4.43 -24.46 9.62
CA GLY B 72 4.80 -24.88 10.97
C GLY B 72 3.67 -24.72 11.97
N LYS B 73 4.04 -24.60 13.24
CA LYS B 73 3.02 -24.47 14.29
C LYS B 73 2.47 -23.07 14.36
N VAL B 74 1.30 -22.87 13.80
CA VAL B 74 0.74 -21.52 13.72
C VAL B 74 -0.42 -21.33 14.68
N VAL B 75 -0.75 -22.40 15.42
CA VAL B 75 -1.86 -22.38 16.36
C VAL B 75 -1.31 -22.81 17.71
N THR B 76 -1.61 -22.07 18.76
CA THR B 76 -1.25 -22.45 20.14
C THR B 76 -2.47 -22.29 21.04
N LYS B 77 -2.40 -22.77 22.28
CA LYS B 77 -3.54 -22.54 23.18
C LYS B 77 -3.71 -21.03 23.44
N GLU B 78 -2.60 -20.31 23.57
CA GLU B 78 -2.65 -18.88 23.83
C GLU B 78 -3.32 -18.16 22.65
N LYS B 79 -3.01 -18.57 21.43
CA LYS B 79 -3.56 -17.86 20.26
C LYS B 79 -5.05 -18.06 20.10
N ILE B 80 -5.51 -19.26 20.45
CA ILE B 80 -6.92 -19.60 20.43
C ILE B 80 -7.67 -18.75 21.46
N GLN B 81 -7.14 -18.73 22.68
CA GLN B 81 -7.82 -17.94 23.72
C GLN B 81 -7.87 -16.44 23.39
N GLU B 82 -6.81 -15.92 22.79
CA GLU B 82 -6.75 -14.52 22.45
C GLU B 82 -7.80 -14.19 21.39
N ALA B 83 -7.90 -15.04 20.37
CA ALA B 83 -8.87 -14.85 19.29
C ALA B 83 -10.27 -14.87 19.82
N LYS B 84 -10.50 -15.85 20.68
CA LYS B 84 -11.76 -16.03 21.39
C LYS B 84 -12.20 -14.75 22.10
N ASP B 85 -11.28 -14.21 22.88
CA ASP B 85 -11.51 -13.00 23.66
C ASP B 85 -11.77 -11.81 22.77
N VAL B 86 -11.01 -11.69 21.68
CA VAL B 86 -11.21 -10.55 20.77
C VAL B 86 -12.52 -10.65 19.98
N TYR B 87 -12.85 -11.81 19.43
CA TYR B 87 -14.09 -11.95 18.65
C TYR B 87 -15.36 -11.78 19.55
N LYS B 88 -15.26 -12.19 20.81
CA LYS B 88 -16.41 -12.00 21.72
C LYS B 88 -16.82 -10.52 21.76
N GLU B 89 -15.83 -9.63 21.83
CA GLU B 89 -16.12 -8.19 21.83
C GLU B 89 -16.44 -7.63 20.44
N HIS B 90 -15.68 -8.09 19.43
CA HIS B 90 -15.81 -7.59 18.08
C HIS B 90 -17.20 -7.91 17.50
N PHE B 91 -17.77 -9.09 17.83
CA PHE B 91 -19.10 -9.48 17.34
C PHE B 91 -20.22 -9.26 18.39
N GLN B 92 -19.83 -8.85 19.59
CA GLN B 92 -20.76 -8.78 20.72
C GLN B 92 -21.50 -10.11 20.87
N ASP B 93 -20.77 -11.19 20.60
CA ASP B 93 -21.34 -12.50 20.69
C ASP B 93 -20.26 -13.55 20.56
N ASP B 94 -20.62 -14.79 20.87
CA ASP B 94 -19.69 -15.90 20.76
C ASP B 94 -20.00 -16.70 19.50
N VAL B 95 -19.23 -16.46 18.45
CA VAL B 95 -19.42 -17.12 17.17
C VAL B 95 -18.11 -17.76 16.79
N PHE B 96 -17.04 -17.38 17.47
CA PHE B 96 -15.74 -17.98 17.14
C PHE B 96 -15.66 -19.55 17.24
N ASN B 97 -15.15 -20.20 16.19
CA ASN B 97 -14.98 -21.68 16.16
C ASN B 97 -13.78 -22.19 16.99
N GLU B 98 -13.86 -22.09 18.33
CA GLU B 98 -12.81 -22.55 19.20
C GLU B 98 -12.54 -24.06 19.02
N LYS B 99 -13.60 -24.85 18.91
CA LYS B 99 -13.52 -26.32 18.71
C LYS B 99 -12.75 -26.73 17.46
N GLY B 100 -13.11 -26.13 16.32
CA GLY B 100 -12.34 -26.35 15.09
C GLY B 100 -10.86 -26.01 15.21
N TRP B 101 -10.54 -24.87 15.80
CA TRP B 101 -9.11 -24.50 15.96
C TRP B 101 -8.42 -25.38 17.00
N ASN B 102 -9.12 -25.74 18.08
CA ASN B 102 -8.54 -26.77 18.96
C ASN B 102 -8.20 -28.15 18.29
N TYR B 103 -9.06 -28.57 17.39
CA TYR B 103 -8.83 -29.78 16.66
C TYR B 103 -7.46 -29.71 15.92
N ILE B 104 -7.14 -28.56 15.31
CA ILE B 104 -5.85 -28.42 14.59
C ILE B 104 -4.70 -28.55 15.53
N LEU B 105 -4.81 -27.86 16.66
CA LEU B 105 -3.79 -27.87 17.67
C LEU B 105 -3.59 -29.32 18.13
N GLU B 106 -4.67 -29.95 18.56
CA GLU B 106 -4.55 -31.31 19.12
C GLU B 106 -4.15 -32.37 18.08
N LYS B 107 -4.80 -32.38 16.93
CA LYS B 107 -4.52 -33.39 15.92
C LYS B 107 -3.17 -33.20 15.22
N TYR B 108 -2.84 -31.96 14.87
CA TYR B 108 -1.69 -31.69 14.00
C TYR B 108 -0.58 -30.84 14.59
N ASP B 109 -0.52 -30.76 15.92
CA ASP B 109 0.39 -29.87 16.63
C ASP B 109 0.37 -28.48 16.00
N GLY B 110 -0.82 -28.03 15.61
CA GLY B 110 -1.06 -26.64 15.17
C GLY B 110 -0.58 -26.37 13.75
N HIS B 111 -0.25 -27.42 13.01
CA HIS B 111 0.09 -27.27 11.59
C HIS B 111 -1.19 -27.33 10.78
N LEU B 112 -1.28 -26.47 9.77
CA LEU B 112 -2.47 -26.41 8.92
C LEU B 112 -2.67 -27.58 7.94
N PRO B 113 -3.80 -28.28 8.05
CA PRO B 113 -4.05 -29.41 7.11
C PRO B 113 -4.67 -28.91 5.80
N ILE B 114 -3.77 -28.35 4.98
CA ILE B 114 -4.04 -27.59 3.77
C ILE B 114 -3.02 -28.02 2.71
N GLU B 115 -3.48 -28.13 1.47
CA GLU B 115 -2.52 -28.40 0.38
C GLU B 115 -2.68 -27.29 -0.62
N ILE B 116 -1.57 -26.67 -1.04
CA ILE B 116 -1.66 -25.62 -2.02
C ILE B 116 -0.78 -25.99 -3.20
N LYS B 117 -1.30 -25.87 -4.44
CA LYS B 117 -0.49 -26.18 -5.64
C LYS B 117 -0.36 -24.86 -6.37
N ALA B 118 0.79 -24.62 -7.02
CA ALA B 118 1.01 -23.31 -7.61
C ALA B 118 1.94 -23.39 -8.83
N VAL B 119 1.76 -22.44 -9.76
CA VAL B 119 2.73 -22.34 -10.90
C VAL B 119 4.06 -21.84 -10.32
N PRO B 120 5.20 -22.20 -10.96
CA PRO B 120 6.51 -21.73 -10.48
C PRO B 120 6.62 -20.22 -10.36
N GLU B 121 7.29 -19.74 -9.32
CA GLU B 121 7.48 -18.32 -9.13
C GLU B 121 8.37 -17.79 -10.27
N GLY B 122 8.02 -16.59 -10.74
CA GLY B 122 8.72 -15.96 -11.85
C GLY B 122 8.02 -16.26 -13.17
N PHE B 123 7.15 -17.28 -13.20
CA PHE B 123 6.46 -17.67 -14.43
C PHE B 123 5.61 -16.51 -14.92
N VAL B 124 5.55 -16.37 -16.24
CA VAL B 124 4.83 -15.31 -16.93
C VAL B 124 3.65 -15.92 -17.64
N ILE B 125 2.44 -15.66 -17.15
CA ILE B 125 1.26 -16.43 -17.56
C ILE B 125 0.13 -15.53 -17.98
N PRO B 126 -0.54 -15.86 -19.07
CA PRO B 126 -1.59 -14.95 -19.52
C PRO B 126 -2.72 -14.86 -18.51
N ARG B 127 -3.43 -13.74 -18.57
CA ARG B 127 -4.61 -13.54 -17.72
C ARG B 127 -5.59 -14.68 -17.80
N GLY B 128 -6.32 -14.90 -16.71
CA GLY B 128 -7.42 -15.84 -16.75
C GLY B 128 -7.04 -17.29 -16.55
N ASN B 129 -5.85 -17.52 -16.03
CA ASN B 129 -5.40 -18.90 -15.80
C ASN B 129 -5.28 -19.17 -14.32
N VAL B 130 -5.53 -20.41 -13.91
CA VAL B 130 -5.24 -20.80 -12.53
C VAL B 130 -3.76 -20.61 -12.16
N LEU B 131 -3.51 -19.89 -11.05
CA LEU B 131 -2.13 -19.65 -10.61
C LEU B 131 -1.80 -20.47 -9.36
N PHE B 132 -2.78 -20.60 -8.47
CA PHE B 132 -2.64 -21.51 -7.34
C PHE B 132 -4.02 -22.01 -6.89
N THR B 133 -4.01 -23.19 -6.25
CA THR B 133 -5.23 -23.81 -5.68
C THR B 133 -5.01 -24.17 -4.22
N VAL B 134 -6.11 -24.23 -3.44
CA VAL B 134 -6.05 -24.43 -1.98
C VAL B 134 -7.14 -25.42 -1.64
N GLU B 135 -6.82 -26.45 -0.85
CA GLU B 135 -7.89 -27.28 -0.31
C GLU B 135 -7.46 -27.91 1.01
N ASN B 136 -8.46 -28.27 1.83
CA ASN B 136 -8.16 -28.91 3.06
C ASN B 136 -7.85 -30.40 2.83
N THR B 137 -6.98 -30.94 3.68
CA THR B 137 -6.60 -32.35 3.57
C THR B 137 -7.24 -33.17 4.70
N ASP B 138 -8.00 -32.54 5.56
CA ASP B 138 -8.78 -33.23 6.60
C ASP B 138 -10.23 -32.74 6.52
N PRO B 139 -11.19 -33.67 6.45
CA PRO B 139 -12.60 -33.32 6.30
C PRO B 139 -13.09 -32.42 7.40
N GLU B 140 -12.51 -32.51 8.59
CA GLU B 140 -12.99 -31.71 9.68
C GLU B 140 -12.65 -30.23 9.43
N CYS B 141 -11.62 -30.00 8.62
CA CYS B 141 -11.12 -28.64 8.33
C CYS B 141 -11.56 -28.07 6.99
N TYR B 142 -12.79 -28.41 6.58
CA TYR B 142 -13.44 -27.87 5.36
C TYR B 142 -13.51 -26.36 5.36
N TRP B 143 -13.61 -25.76 6.56
CA TRP B 143 -13.77 -24.32 6.73
C TRP B 143 -12.43 -23.56 6.61
N LEU B 144 -11.32 -24.29 6.56
CA LEU B 144 -10.02 -23.66 6.69
C LEU B 144 -9.59 -23.09 5.33
N THR B 145 -10.10 -23.71 4.26
CA THR B 145 -9.68 -23.30 2.91
C THR B 145 -9.93 -21.83 2.74
N ASN B 146 -11.15 -21.38 3.04
CA ASN B 146 -11.37 -19.96 2.80
C ASN B 146 -11.07 -19.01 3.99
N TRP B 147 -10.79 -19.55 5.17
CA TRP B 147 -10.23 -18.74 6.28
C TRP B 147 -8.95 -17.98 5.85
N ILE B 148 -8.11 -18.66 5.11
CA ILE B 148 -6.84 -18.09 4.64
C ILE B 148 -6.92 -17.45 3.28
N GLU B 149 -8.13 -17.24 2.79
CA GLU B 149 -8.30 -16.43 1.55
C GLU B 149 -7.61 -15.09 1.75
N THR B 150 -7.96 -14.41 2.83
CA THR B 150 -7.52 -13.03 2.95
C THR B 150 -6.02 -12.86 2.86
N ILE B 151 -5.28 -13.65 3.65
CA ILE B 151 -3.83 -13.60 3.62
C ILE B 151 -3.26 -14.03 2.24
N LEU B 152 -3.83 -15.04 1.59
CA LEU B 152 -3.24 -15.52 0.35
C LEU B 152 -3.50 -14.50 -0.78
N VAL B 153 -4.62 -13.80 -0.71
CA VAL B 153 -5.05 -12.91 -1.77
C VAL B 153 -4.13 -11.66 -1.75
N GLN B 154 -3.56 -11.38 -0.61
CA GLN B 154 -2.44 -10.35 -0.57
C GLN B 154 -1.27 -10.60 -1.54
N SER B 155 -1.21 -11.80 -2.13
CA SER B 155 -0.21 -12.06 -3.15
C SER B 155 -0.44 -11.14 -4.38
N TRP B 156 -1.63 -10.55 -4.46
CA TRP B 156 -1.95 -9.69 -5.60
C TRP B 156 -0.86 -8.58 -5.70
N TYR B 157 -0.32 -8.18 -4.53
CA TYR B 157 0.57 -7.05 -4.49
C TYR B 157 1.96 -7.33 -5.12
N PRO B 158 2.71 -8.37 -4.64
CA PRO B 158 3.94 -8.72 -5.35
C PRO B 158 3.67 -9.12 -6.78
N ILE B 159 2.54 -9.75 -7.08
CA ILE B 159 2.34 -10.09 -8.50
C ILE B 159 2.20 -8.81 -9.33
N THR B 160 1.44 -7.87 -8.80
CA THR B 160 1.11 -6.70 -9.59
C THR B 160 2.34 -5.79 -9.70
N VAL B 161 3.11 -5.69 -8.62
CA VAL B 161 4.34 -4.86 -8.69
C VAL B 161 5.30 -5.48 -9.73
N ALA B 162 5.47 -6.80 -9.65
CA ALA B 162 6.45 -7.48 -10.54
C ALA B 162 6.01 -7.32 -11.99
N THR B 163 4.73 -7.44 -12.19
CA THR B 163 4.14 -7.37 -13.51
C THR B 163 4.26 -5.96 -14.12
N ASN B 164 3.85 -4.94 -13.37
CA ASN B 164 3.95 -3.60 -13.91
C ASN B 164 5.42 -3.19 -14.09
N SER B 165 6.28 -3.63 -13.18
CA SER B 165 7.69 -3.36 -13.39
C SER B 165 8.22 -4.03 -14.66
N ARG B 166 7.79 -5.29 -14.93
CA ARG B 166 8.21 -5.96 -16.16
C ARG B 166 7.67 -5.28 -17.44
N GLU B 167 6.42 -4.79 -17.38
CA GLU B 167 5.85 -4.01 -18.50
C GLU B 167 6.70 -2.76 -18.78
N GLN B 168 7.22 -2.12 -17.73
CA GLN B 168 8.06 -0.94 -17.94
C GLN B 168 9.41 -1.32 -18.56
N LYS B 169 9.97 -2.43 -18.10
CA LYS B 169 11.15 -2.97 -18.73
C LYS B 169 10.99 -3.27 -20.25
N LYS B 170 9.80 -3.75 -20.64
CA LYS B 170 9.54 -4.02 -22.05
C LYS B 170 9.64 -2.73 -22.82
N ILE B 171 9.09 -1.66 -22.26
CA ILE B 171 9.13 -0.34 -22.95
C ILE B 171 10.56 0.17 -23.07
N LEU B 172 11.30 0.04 -21.98
CA LEU B 172 12.65 0.55 -21.98
C LEU B 172 13.48 -0.27 -22.95
N ALA B 173 13.23 -1.58 -22.99
CA ALA B 173 14.03 -2.47 -23.89
C ALA B 173 13.77 -2.11 -25.35
N LYS B 174 12.49 -1.94 -25.69
CA LYS B 174 12.10 -1.59 -27.05
C LYS B 174 12.89 -0.38 -27.52
N TYR B 175 12.85 0.67 -26.73
CA TYR B 175 13.46 1.93 -27.13
C TYR B 175 14.98 1.98 -26.96
N LEU B 176 15.52 1.34 -25.95
CA LEU B 176 16.96 1.26 -25.85
C LEU B 176 17.51 0.46 -27.06
N LEU B 177 16.83 -0.62 -27.45
CA LEU B 177 17.31 -1.45 -28.57
C LEU B 177 17.30 -0.63 -29.88
N GLU B 178 16.20 0.10 -30.03
CA GLU B 178 16.01 0.93 -31.20
C GLU B 178 17.05 2.07 -31.29
N THR B 179 17.32 2.77 -30.21
CA THR B 179 18.19 3.92 -30.31
C THR B 179 19.68 3.63 -30.10
N SER B 180 20.06 2.46 -29.57
CA SER B 180 21.48 2.14 -29.32
C SER B 180 21.97 0.84 -30.02
N GLY B 181 21.02 -0.03 -30.38
CA GLY B 181 21.34 -1.31 -31.02
C GLY B 181 21.67 -2.43 -30.04
N ASN B 182 21.49 -2.19 -28.75
CA ASN B 182 21.73 -3.26 -27.75
C ASN B 182 20.95 -3.01 -26.49
N LEU B 183 21.01 -3.94 -25.54
CA LEU B 183 20.35 -3.78 -24.24
C LEU B 183 21.28 -3.41 -23.07
N ASP B 184 22.51 -2.98 -23.37
CA ASP B 184 23.44 -2.58 -22.34
C ASP B 184 22.82 -1.53 -21.37
N GLY B 185 22.79 -1.86 -20.08
CA GLY B 185 22.33 -0.90 -19.08
C GLY B 185 20.89 -1.12 -18.65
N LEU B 186 20.17 -1.99 -19.37
CA LEU B 186 18.72 -2.13 -19.16
C LEU B 186 18.35 -2.38 -17.70
N GLU B 187 19.13 -3.23 -17.03
CA GLU B 187 18.71 -3.69 -15.73
C GLU B 187 18.92 -2.59 -14.67
N TYR B 188 19.47 -1.43 -15.07
CA TYR B 188 19.58 -0.28 -14.16
C TYR B 188 18.85 0.94 -14.65
N LYS B 189 17.85 0.76 -15.51
CA LYS B 189 17.21 1.91 -16.16
C LYS B 189 15.96 2.38 -15.41
N LEU B 190 15.47 1.53 -14.49
CA LEU B 190 14.32 1.91 -13.64
C LEU B 190 14.62 1.60 -12.18
N HIS B 191 14.96 2.65 -11.43
CA HIS B 191 15.40 2.52 -10.05
C HIS B 191 14.23 2.74 -9.08
N ASP B 192 14.23 1.97 -8.01
CA ASP B 192 13.15 2.02 -7.05
C ASP B 192 13.43 3.12 -6.02
N PHE B 193 12.53 4.12 -6.03
CA PHE B 193 12.61 5.31 -5.18
C PHE B 193 11.40 5.27 -4.21
N GLY B 194 10.72 4.13 -4.10
CA GLY B 194 9.46 4.09 -3.37
C GLY B 194 9.41 3.90 -1.88
N TYR B 195 10.54 3.91 -1.20
CA TYR B 195 10.52 3.48 0.19
C TYR B 195 9.61 4.40 1.03
N ARG B 196 9.76 5.71 0.87
CA ARG B 196 8.97 6.67 1.66
C ARG B 196 7.52 6.75 1.18
N GLY B 197 7.24 6.30 -0.02
CA GLY B 197 5.91 6.49 -0.61
C GLY B 197 4.97 5.27 -0.50
N VAL B 198 5.38 4.21 0.20
CA VAL B 198 4.50 3.06 0.38
C VAL B 198 3.88 3.14 1.76
N SER B 199 2.94 2.26 2.01
CA SER B 199 2.07 2.39 3.16
C SER B 199 2.69 1.82 4.45
N SER B 200 3.77 1.06 4.34
CA SER B 200 4.40 0.48 5.55
C SER B 200 5.77 -0.10 5.29
N GLN B 201 6.48 -0.44 6.36
CA GLN B 201 7.77 -1.14 6.23
C GLN B 201 7.63 -2.49 5.53
N GLU B 202 6.58 -3.24 5.88
CA GLU B 202 6.45 -4.59 5.35
C GLU B 202 6.18 -4.47 3.85
N THR B 203 5.30 -3.52 3.50
CA THR B 203 5.00 -3.27 2.11
C THR B 203 6.26 -2.88 1.34
N ALA B 204 7.11 -2.08 1.96
CA ALA B 204 8.35 -1.68 1.30
C ALA B 204 9.19 -2.92 0.89
N GLY B 205 9.43 -3.83 1.83
CA GLY B 205 10.24 -5.01 1.55
C GLY B 205 9.61 -5.84 0.46
N ILE B 206 8.28 -6.08 0.55
CA ILE B 206 7.64 -6.97 -0.45
C ILE B 206 7.70 -6.32 -1.86
N GLY B 207 7.30 -5.06 -1.96
CA GLY B 207 7.22 -4.47 -3.31
C GLY B 207 8.62 -4.23 -3.87
N ALA B 208 9.60 -3.85 -3.03
CA ALA B 208 10.97 -3.69 -3.56
C ALA B 208 11.51 -5.01 -4.14
N SER B 209 11.20 -6.11 -3.45
CA SER B 209 11.62 -7.45 -3.90
C SER B 209 10.97 -7.78 -5.24
N ALA B 210 9.71 -7.34 -5.42
CA ALA B 210 9.01 -7.66 -6.67
C ALA B 210 9.62 -6.91 -7.85
N HIS B 211 10.03 -5.66 -7.59
CA HIS B 211 10.67 -4.88 -8.64
C HIS B 211 12.02 -5.51 -9.01
N LEU B 212 12.73 -6.05 -8.01
CA LEU B 212 14.06 -6.66 -8.24
C LEU B 212 13.93 -7.96 -9.05
N VAL B 213 12.71 -8.44 -9.25
CA VAL B 213 12.57 -9.54 -10.22
C VAL B 213 13.09 -9.12 -11.62
N ASN B 214 13.01 -7.81 -11.92
CA ASN B 214 13.19 -7.33 -13.28
C ASN B 214 14.40 -6.40 -13.42
N PHE B 215 14.72 -5.69 -12.35
CA PHE B 215 15.82 -4.72 -12.37
C PHE B 215 16.78 -4.96 -11.18
N LYS B 216 17.91 -4.26 -11.20
CA LYS B 216 18.91 -4.37 -10.12
C LYS B 216 19.13 -3.12 -9.32
N GLY B 217 18.49 -2.02 -9.70
CA GLY B 217 18.62 -0.78 -8.95
C GLY B 217 17.52 -0.51 -7.95
N THR B 218 17.92 -0.35 -6.70
CA THR B 218 16.95 -0.04 -5.62
C THR B 218 17.56 0.82 -4.50
N ASP B 219 16.74 1.73 -3.96
CA ASP B 219 17.09 2.44 -2.75
C ASP B 219 16.20 1.93 -1.63
N THR B 220 15.29 1.00 -1.95
CA THR B 220 14.37 0.54 -0.89
C THR B 220 15.08 -0.64 -0.23
N VAL B 221 15.93 -0.33 0.74
CA VAL B 221 16.89 -1.29 1.38
C VAL B 221 16.18 -2.54 1.98
N ALA B 222 14.91 -2.37 2.39
CA ALA B 222 14.12 -3.40 3.00
C ALA B 222 13.96 -4.63 2.09
N GLY B 223 14.01 -4.43 0.78
CA GLY B 223 13.85 -5.60 -0.11
C GLY B 223 15.06 -6.56 -0.04
N LEU B 224 16.22 -6.04 0.33
CA LEU B 224 17.41 -6.89 0.29
C LEU B 224 17.26 -8.01 1.32
N ALA B 225 16.84 -7.70 2.55
CA ALA B 225 16.76 -8.73 3.60
C ALA B 225 15.62 -9.74 3.39
N LEU B 226 14.52 -9.26 2.79
CA LEU B 226 13.40 -10.10 2.41
C LEU B 226 13.87 -11.18 1.43
N ILE B 227 14.59 -10.74 0.39
CA ILE B 227 15.03 -11.67 -0.62
C ILE B 227 16.01 -12.66 0.03
N LYS B 228 16.94 -12.15 0.81
CA LYS B 228 17.96 -13.06 1.39
C LYS B 228 17.30 -14.12 2.29
N LYS B 229 16.31 -13.72 3.06
CA LYS B 229 15.66 -14.66 3.99
C LYS B 229 14.74 -15.73 3.34
N TYR B 230 13.98 -15.32 2.33
CA TYR B 230 12.91 -16.09 1.73
C TYR B 230 13.16 -16.73 0.35
N TYR B 231 14.09 -16.18 -0.43
CA TYR B 231 14.33 -16.62 -1.80
C TYR B 231 15.77 -17.00 -2.01
N GLY B 232 16.67 -16.08 -1.66
CA GLY B 232 18.11 -16.23 -1.84
C GLY B 232 18.68 -15.98 -3.24
N THR B 233 19.95 -15.53 -3.29
CA THR B 233 20.65 -15.28 -4.56
C THR B 233 22.08 -15.75 -4.37
N LYS B 234 22.69 -16.13 -5.46
CA LYS B 234 24.11 -16.51 -5.44
C LYS B 234 24.98 -15.32 -5.06
N ASP B 235 24.70 -14.17 -5.69
CA ASP B 235 25.34 -12.92 -5.29
C ASP B 235 25.00 -12.47 -3.87
N PRO B 236 25.92 -11.74 -3.23
CA PRO B 236 25.73 -11.24 -1.86
C PRO B 236 24.43 -10.45 -1.72
N VAL B 237 24.13 -9.57 -2.67
CA VAL B 237 22.84 -8.83 -2.63
C VAL B 237 22.19 -8.85 -4.01
N PRO B 238 20.87 -8.65 -4.08
CA PRO B 238 20.18 -8.64 -5.37
C PRO B 238 20.04 -7.24 -5.96
N GLY B 239 20.33 -6.19 -5.21
CA GLY B 239 20.07 -4.85 -5.75
C GLY B 239 21.14 -3.87 -5.29
N TYR B 240 21.31 -2.79 -6.04
CA TYR B 240 22.40 -1.88 -5.81
C TYR B 240 22.01 -0.42 -5.88
N SER B 241 22.89 0.42 -5.34
CA SER B 241 22.68 1.87 -5.46
C SER B 241 24.05 2.57 -5.54
N VAL B 242 24.02 3.89 -5.74
CA VAL B 242 25.26 4.70 -5.81
C VAL B 242 24.97 5.99 -5.07
N PRO B 243 26.05 6.73 -4.71
CA PRO B 243 25.79 7.97 -3.95
C PRO B 243 24.99 9.04 -4.67
N ALA B 244 24.25 9.85 -3.92
CA ALA B 244 23.43 10.88 -4.54
C ALA B 244 23.04 11.92 -3.51
N ALA B 245 22.89 13.18 -3.95
CA ALA B 245 22.39 14.28 -3.11
C ALA B 245 20.86 14.17 -2.88
N GLU B 246 20.35 14.89 -1.89
CA GLU B 246 18.95 15.23 -1.84
C GLU B 246 18.88 16.77 -1.75
N HIS B 247 17.67 17.31 -1.74
CA HIS B 247 17.52 18.76 -1.61
C HIS B 247 18.13 19.26 -0.33
N SER B 248 18.07 18.48 0.74
CA SER B 248 18.69 19.03 1.97
C SER B 248 20.22 19.26 1.91
N THR B 249 20.92 18.48 1.13
CA THR B 249 22.39 18.53 1.11
C THR B 249 22.87 19.58 0.10
N ILE B 250 21.93 20.06 -0.71
CA ILE B 250 22.19 21.20 -1.56
C ILE B 250 21.71 22.51 -0.86
N THR B 251 20.48 22.56 -0.39
CA THR B 251 19.93 23.80 0.14
C THR B 251 20.56 24.19 1.48
N ALA B 252 21.12 23.22 2.18
CA ALA B 252 21.77 23.54 3.46
C ALA B 252 22.93 24.52 3.33
N TRP B 253 23.56 24.58 2.15
CA TRP B 253 24.67 25.50 1.89
C TRP B 253 24.24 26.98 1.77
N GLY B 254 22.95 27.22 1.67
CA GLY B 254 22.39 28.54 1.41
C GLY B 254 22.11 28.76 -0.06
N LYS B 255 21.15 29.64 -0.35
CA LYS B 255 20.72 29.87 -1.73
C LYS B 255 21.81 30.43 -2.66
N ASP B 256 22.78 31.16 -2.11
CA ASP B 256 23.83 31.71 -2.98
C ASP B 256 25.00 30.76 -3.10
N HIS B 257 24.85 29.55 -2.55
CA HIS B 257 26.01 28.66 -2.52
C HIS B 257 25.75 27.27 -3.13
N GLU B 258 24.88 27.26 -4.13
CA GLU B 258 24.55 26.02 -4.81
C GLU B 258 25.75 25.45 -5.56
N LYS B 259 26.52 26.34 -6.16
CA LYS B 259 27.77 25.93 -6.78
C LYS B 259 28.66 25.23 -5.76
N ASP B 260 28.79 25.80 -4.56
CA ASP B 260 29.73 25.23 -3.58
C ASP B 260 29.33 23.83 -3.17
N ALA B 261 28.03 23.63 -3.11
CA ALA B 261 27.47 22.38 -2.67
C ALA B 261 27.79 21.34 -3.75
N PHE B 262 27.48 21.66 -5.00
CA PHE B 262 27.78 20.76 -6.14
C PHE B 262 29.29 20.35 -6.16
N GLU B 263 30.17 21.34 -6.04
CA GLU B 263 31.60 21.09 -6.08
C GLU B 263 32.06 20.12 -4.94
N HIS B 264 31.55 20.36 -3.75
CA HIS B 264 31.90 19.58 -2.58
C HIS B 264 31.40 18.16 -2.80
N ILE B 265 30.16 18.03 -3.22
CA ILE B 265 29.61 16.70 -3.42
C ILE B 265 30.37 15.89 -4.51
N VAL B 266 30.63 16.48 -5.67
CA VAL B 266 31.27 15.70 -6.72
C VAL B 266 32.75 15.40 -6.43
N THR B 267 33.36 16.25 -5.63
CA THR B 267 34.74 16.06 -5.19
C THR B 267 34.79 15.00 -4.07
N GLN B 268 33.77 14.94 -3.23
CA GLN B 268 33.69 13.87 -2.25
C GLN B 268 33.56 12.53 -2.93
N PHE B 269 32.78 12.48 -4.01
CA PHE B 269 32.46 11.23 -4.70
C PHE B 269 33.09 11.30 -6.08
N SER B 270 34.42 11.44 -6.11
CA SER B 270 35.10 11.78 -7.36
C SER B 270 35.33 10.55 -8.22
N SER B 271 35.33 9.37 -7.61
CA SER B 271 35.68 8.18 -8.36
C SER B 271 34.60 7.10 -8.32
N VAL B 272 33.37 7.44 -7.90
CA VAL B 272 32.25 6.51 -8.06
C VAL B 272 31.14 7.29 -8.79
N PRO B 273 30.12 6.60 -9.33
CA PRO B 273 29.01 7.39 -9.93
C PRO B 273 28.37 8.26 -8.87
N VAL B 274 27.91 9.46 -9.22
CA VAL B 274 27.25 10.26 -8.20
C VAL B 274 26.10 11.00 -8.87
N SER B 275 24.95 10.98 -8.21
CA SER B 275 23.81 11.71 -8.77
C SER B 275 23.58 12.97 -7.97
N VAL B 276 23.28 14.07 -8.68
CA VAL B 276 23.08 15.34 -7.98
C VAL B 276 21.83 16.03 -8.50
N VAL B 277 20.87 16.14 -7.60
CA VAL B 277 19.64 16.86 -7.85
C VAL B 277 19.94 18.32 -8.12
N SER B 278 19.41 18.81 -9.24
CA SER B 278 19.86 20.09 -9.76
C SER B 278 18.77 21.18 -9.93
N ASP B 279 17.60 20.99 -9.32
CA ASP B 279 16.49 21.90 -9.55
C ASP B 279 16.06 22.61 -8.28
N SER B 280 16.91 22.64 -7.26
CA SER B 280 16.57 23.31 -6.04
C SER B 280 16.09 24.74 -6.29
N TYR B 281 16.75 25.43 -7.23
CA TYR B 281 16.33 26.81 -7.51
C TYR B 281 15.95 27.02 -8.95
N ASP B 282 16.84 26.57 -9.85
CA ASP B 282 16.65 26.82 -11.30
C ASP B 282 17.46 25.77 -12.03
N ILE B 283 16.76 24.69 -12.40
CA ILE B 283 17.37 23.54 -13.06
C ILE B 283 18.10 23.97 -14.33
N TYR B 284 17.53 24.91 -15.08
CA TYR B 284 18.15 25.20 -16.39
C TYR B 284 19.40 26.02 -16.20
N ASN B 285 19.37 26.93 -15.22
CA ASN B 285 20.60 27.61 -14.77
C ASN B 285 21.66 26.63 -14.27
N ALA B 286 21.25 25.73 -13.38
CA ALA B 286 22.19 24.76 -12.88
C ALA B 286 22.87 23.98 -14.03
N CYS B 287 22.12 23.56 -15.04
CA CYS B 287 22.72 22.76 -16.10
C CYS B 287 23.63 23.59 -17.03
N GLU B 288 23.16 24.79 -17.34
CA GLU B 288 23.83 25.54 -18.38
C GLU B 288 25.01 26.30 -17.82
N LYS B 289 24.85 26.83 -16.62
CA LYS B 289 25.88 27.75 -16.06
C LYS B 289 26.73 27.11 -14.99
N ILE B 290 26.12 26.29 -14.11
CA ILE B 290 26.90 25.76 -12.98
C ILE B 290 27.66 24.54 -13.48
N TRP B 291 26.94 23.53 -13.95
CA TRP B 291 27.61 22.35 -14.48
C TRP B 291 28.32 22.63 -15.80
N GLY B 292 27.67 23.39 -16.67
CA GLY B 292 28.11 23.52 -18.05
C GLY B 292 29.20 24.55 -18.21
N GLU B 293 29.41 25.37 -17.17
CA GLU B 293 30.44 26.42 -17.22
C GLU B 293 31.33 26.45 -15.95
N ASP B 294 30.77 26.81 -14.80
CA ASP B 294 31.54 26.96 -13.57
C ASP B 294 32.28 25.71 -13.12
N LEU B 295 31.59 24.58 -13.16
CA LEU B 295 32.13 23.33 -12.66
C LEU B 295 32.49 22.34 -13.77
N ARG B 296 32.43 22.78 -15.05
CA ARG B 296 32.63 21.87 -16.18
C ARG B 296 33.95 21.10 -16.09
N HIS B 297 35.03 21.77 -15.65
CA HIS B 297 36.34 21.13 -15.53
C HIS B 297 36.37 19.93 -14.55
N LEU B 298 35.43 19.86 -13.63
CA LEU B 298 35.35 18.76 -12.67
C LEU B 298 34.45 17.62 -13.17
N ILE B 299 33.76 17.85 -14.27
CA ILE B 299 32.91 16.82 -14.80
C ILE B 299 33.63 16.13 -15.97
N VAL B 300 34.25 16.91 -16.84
CA VAL B 300 34.90 16.30 -18.06
C VAL B 300 36.13 15.46 -17.70
N SER B 301 36.59 15.58 -16.47
CA SER B 301 37.71 14.80 -15.93
C SER B 301 37.30 13.42 -15.36
N ARG B 302 36.01 13.15 -15.21
CA ARG B 302 35.56 11.90 -14.59
C ARG B 302 35.66 10.63 -15.43
N SER B 303 35.79 9.50 -14.74
CA SER B 303 35.85 8.18 -15.35
C SER B 303 34.47 7.71 -15.88
N THR B 304 34.44 7.02 -17.02
CA THR B 304 33.25 6.30 -17.53
C THR B 304 32.54 5.46 -16.46
N GLN B 305 33.32 4.98 -15.51
CA GLN B 305 32.80 4.14 -14.47
C GLN B 305 32.28 5.01 -13.34
N ALA B 306 32.47 6.34 -13.44
CA ALA B 306 32.06 7.27 -12.37
C ALA B 306 31.39 8.54 -12.90
N PRO B 307 30.33 8.39 -13.68
CA PRO B 307 29.79 9.62 -14.26
C PRO B 307 29.09 10.52 -13.23
N LEU B 308 28.96 11.79 -13.55
CA LEU B 308 27.94 12.60 -12.91
C LEU B 308 26.59 12.29 -13.56
N ILE B 309 25.59 12.02 -12.70
CA ILE B 309 24.26 11.81 -13.18
C ILE B 309 23.38 12.98 -12.70
N ILE B 310 22.99 13.85 -13.63
CA ILE B 310 22.24 15.04 -13.27
C ILE B 310 20.77 14.66 -13.05
N ARG B 311 20.14 15.13 -11.95
CA ARG B 311 18.76 14.78 -11.65
C ARG B 311 17.81 15.97 -11.62
N PRO B 312 16.98 16.15 -12.67
CA PRO B 312 15.90 17.11 -12.51
C PRO B 312 14.85 16.50 -11.60
N ASP B 313 14.00 17.32 -10.97
CA ASP B 313 13.00 16.75 -10.05
C ASP B 313 11.70 17.56 -10.05
N SER B 314 11.47 18.30 -11.12
CA SER B 314 10.28 19.15 -11.12
C SER B 314 9.97 19.62 -12.53
N GLY B 315 8.74 20.11 -12.72
CA GLY B 315 8.31 20.51 -14.03
C GLY B 315 7.65 19.37 -14.80
N ASN B 316 7.20 19.65 -16.00
CA ASN B 316 6.71 18.61 -16.87
C ASN B 316 7.81 17.59 -17.19
N PRO B 317 7.60 16.30 -16.84
CA PRO B 317 8.72 15.35 -16.98
C PRO B 317 9.31 15.25 -18.38
N LEU B 318 8.51 15.13 -19.44
CA LEU B 318 9.10 15.11 -20.79
C LEU B 318 9.76 16.44 -21.16
N ASP B 319 9.02 17.55 -21.04
CA ASP B 319 9.62 18.86 -21.39
C ASP B 319 10.92 19.17 -20.66
N THR B 320 10.96 18.83 -19.38
CA THR B 320 12.13 19.07 -18.60
C THR B 320 13.29 18.21 -19.05
N VAL B 321 13.07 16.90 -19.19
CA VAL B 321 14.13 16.05 -19.77
C VAL B 321 14.65 16.55 -21.11
N LEU B 322 13.74 16.94 -22.00
CA LEU B 322 14.22 17.36 -23.33
C LEU B 322 15.07 18.65 -23.27
N LYS B 323 14.65 19.60 -22.45
CA LYS B 323 15.38 20.87 -22.31
C LYS B 323 16.72 20.65 -21.59
N VAL B 324 16.72 19.79 -20.59
CA VAL B 324 17.97 19.43 -19.88
C VAL B 324 18.98 18.83 -20.87
N LEU B 325 18.53 17.87 -21.70
CA LEU B 325 19.40 17.27 -22.69
C LEU B 325 19.83 18.28 -23.72
N GLU B 326 18.92 19.17 -24.15
CA GLU B 326 19.36 20.20 -25.10
C GLU B 326 20.45 21.11 -24.53
N ILE B 327 20.25 21.59 -23.31
CA ILE B 327 21.25 22.39 -22.62
C ILE B 327 22.60 21.68 -22.55
N LEU B 328 22.58 20.43 -22.10
CA LEU B 328 23.82 19.68 -21.94
C LEU B 328 24.48 19.45 -23.26
N GLY B 329 23.69 19.27 -24.32
CA GLY B 329 24.28 18.88 -25.60
C GLY B 329 25.01 20.06 -26.20
N LYS B 330 24.72 21.27 -25.71
CA LYS B 330 25.41 22.47 -26.19
C LYS B 330 26.62 22.85 -25.34
N LYS B 331 26.73 22.29 -24.15
CA LYS B 331 27.90 22.60 -23.31
C LYS B 331 28.98 21.50 -23.27
N PHE B 332 28.60 20.29 -23.67
CA PHE B 332 29.41 19.09 -23.57
C PHE B 332 29.54 18.42 -24.95
N PRO B 333 30.59 17.68 -25.18
CA PRO B 333 30.71 17.10 -26.53
C PRO B 333 29.84 15.86 -26.81
N VAL B 334 28.84 16.07 -27.64
CA VAL B 334 27.93 14.99 -27.99
C VAL B 334 28.48 14.27 -29.21
N THR B 335 28.28 12.96 -29.23
CA THR B 335 28.58 12.15 -30.39
C THR B 335 27.27 11.66 -31.01
N GLU B 336 27.36 10.96 -32.11
CA GLU B 336 26.22 10.32 -32.71
C GLU B 336 26.57 8.85 -32.78
N ASN B 337 25.77 7.98 -32.16
CA ASN B 337 26.11 6.57 -32.11
C ASN B 337 25.77 5.89 -33.44
N SER B 338 25.97 4.59 -33.48
CA SER B 338 25.86 3.93 -34.77
C SER B 338 24.43 3.89 -35.30
N LYS B 339 23.45 4.29 -34.50
CA LYS B 339 22.06 4.19 -34.91
C LYS B 339 21.57 5.56 -35.34
N GLY B 340 22.47 6.55 -35.28
CA GLY B 340 22.10 7.91 -35.63
C GLY B 340 21.59 8.79 -34.49
N TYR B 341 21.66 8.29 -33.25
CA TYR B 341 21.16 9.01 -32.08
C TYR B 341 22.27 9.67 -31.31
N LYS B 342 21.90 10.75 -30.63
CA LYS B 342 22.85 11.57 -29.94
C LYS B 342 23.11 10.98 -28.59
N LEU B 343 24.38 11.06 -28.21
CA LEU B 343 24.86 10.53 -26.96
C LEU B 343 25.75 11.50 -26.24
N LEU B 344 25.40 11.78 -24.99
CA LEU B 344 26.27 12.50 -24.05
C LEU B 344 27.61 11.82 -23.92
N PRO B 345 28.65 12.59 -23.56
CA PRO B 345 29.90 11.89 -23.22
C PRO B 345 29.71 10.94 -22.04
N PRO B 346 30.57 9.91 -21.91
CA PRO B 346 30.32 8.82 -20.94
C PRO B 346 30.47 9.20 -19.45
N TYR B 347 30.97 10.38 -19.16
CA TYR B 347 31.12 10.88 -17.82
C TYR B 347 29.86 11.67 -17.38
N LEU B 348 28.82 11.73 -18.25
CA LEU B 348 27.61 12.54 -17.97
C LEU B 348 26.33 11.82 -18.35
N ARG B 349 25.40 11.69 -17.39
CA ARG B 349 24.14 11.02 -17.64
C ARG B 349 23.02 11.80 -16.92
N VAL B 350 21.79 11.44 -17.20
CA VAL B 350 20.65 12.11 -16.58
C VAL B 350 19.76 11.04 -15.96
N ILE B 351 19.16 11.41 -14.83
CA ILE B 351 18.13 10.54 -14.28
C ILE B 351 16.89 11.38 -14.04
N GLN B 352 15.74 10.90 -14.51
CA GLN B 352 14.45 11.59 -14.22
C GLN B 352 13.72 10.82 -13.14
N GLY B 353 13.64 11.42 -11.96
CA GLY B 353 13.07 10.72 -10.82
C GLY B 353 11.82 11.33 -10.25
N ASP B 354 11.10 12.13 -11.03
CA ASP B 354 9.84 12.77 -10.60
C ASP B 354 8.72 12.44 -11.60
N GLY B 355 7.51 12.14 -11.09
CA GLY B 355 6.36 11.96 -11.98
C GLY B 355 6.40 10.72 -12.87
N VAL B 356 7.27 9.76 -12.52
CA VAL B 356 7.42 8.57 -13.37
C VAL B 356 6.48 7.44 -12.98
N ASP B 357 5.58 7.10 -13.91
CA ASP B 357 4.85 5.84 -13.90
C ASP B 357 4.94 5.22 -15.30
N ILE B 358 4.25 4.10 -15.54
CA ILE B 358 4.39 3.42 -16.81
C ILE B 358 3.94 4.35 -17.97
N ASN B 359 2.92 5.16 -17.75
CA ASN B 359 2.47 6.05 -18.82
C ASN B 359 3.45 7.17 -19.11
N THR B 360 3.96 7.83 -18.09
CA THR B 360 4.89 8.96 -18.38
C THR B 360 6.29 8.43 -18.82
N LEU B 361 6.61 7.21 -18.44
CA LEU B 361 7.87 6.60 -18.83
C LEU B 361 7.81 6.41 -20.35
N GLN B 362 6.67 5.90 -20.84
CA GLN B 362 6.47 5.70 -22.27
C GLN B 362 6.53 7.07 -23.00
N GLU B 363 5.92 8.11 -22.42
CA GLU B 363 5.91 9.44 -23.09
C GLU B 363 7.31 10.01 -23.18
N ILE B 364 8.10 9.77 -22.14
CA ILE B 364 9.44 10.36 -22.14
C ILE B 364 10.30 9.66 -23.16
N VAL B 365 10.31 8.32 -23.16
CA VAL B 365 11.27 7.65 -24.12
C VAL B 365 10.89 7.94 -25.59
N GLU B 366 9.60 8.05 -25.86
CA GLU B 366 9.13 8.32 -27.18
C GLU B 366 9.49 9.74 -27.60
N GLY B 367 9.41 10.68 -26.65
CA GLY B 367 9.75 12.08 -26.98
C GLY B 367 11.25 12.23 -27.18
N MET B 368 12.05 11.48 -26.40
CA MET B 368 13.49 11.44 -26.63
C MET B 368 13.81 10.88 -28.00
N LYS B 369 13.12 9.82 -28.38
CA LYS B 369 13.40 9.19 -29.67
C LYS B 369 13.06 10.19 -30.78
N GLN B 370 12.02 10.98 -30.57
CA GLN B 370 11.59 11.93 -31.62
C GLN B 370 12.60 13.05 -31.80
N LYS B 371 13.30 13.36 -30.73
CA LYS B 371 14.31 14.39 -30.75
C LYS B 371 15.71 13.81 -30.93
N MET B 372 15.80 12.57 -31.35
CA MET B 372 17.09 11.95 -31.70
C MET B 372 18.06 11.77 -30.51
N TRP B 373 17.50 11.65 -29.32
CA TRP B 373 18.33 11.33 -28.17
C TRP B 373 18.31 9.84 -27.89
N SER B 374 19.48 9.23 -27.80
CA SER B 374 19.52 7.82 -27.39
C SER B 374 18.98 7.59 -25.98
N ILE B 375 18.32 6.45 -25.78
CA ILE B 375 17.85 6.10 -24.44
C ILE B 375 19.06 5.70 -23.56
N GLU B 376 20.25 5.54 -24.15
CA GLU B 376 21.45 5.32 -23.29
C GLU B 376 21.73 6.50 -22.34
N ASN B 377 21.24 7.68 -22.69
CA ASN B 377 21.54 8.87 -21.93
C ASN B 377 20.82 8.95 -20.58
N ILE B 378 19.77 8.14 -20.40
CA ILE B 378 18.80 8.39 -19.33
C ILE B 378 18.55 7.19 -18.47
N ALA B 379 18.18 7.41 -17.22
CA ALA B 379 17.66 6.37 -16.35
C ALA B 379 16.45 7.00 -15.66
N PHE B 380 15.59 6.16 -15.11
CA PHE B 380 14.37 6.64 -14.46
C PHE B 380 14.35 6.15 -13.01
N GLY B 381 13.81 6.98 -12.12
CA GLY B 381 13.54 6.56 -10.73
C GLY B 381 12.02 6.67 -10.54
N SER B 382 11.43 5.70 -9.83
CA SER B 382 9.99 5.81 -9.70
C SER B 382 9.72 5.37 -8.33
N GLY B 383 8.87 6.10 -7.60
CA GLY B 383 8.52 5.69 -6.26
C GLY B 383 7.06 5.22 -6.10
N GLY B 384 6.17 6.18 -5.80
CA GLY B 384 4.75 5.87 -5.65
C GLY B 384 4.16 5.18 -6.88
N GLY B 385 4.61 5.61 -8.06
CA GLY B 385 4.18 5.02 -9.31
C GLY B 385 4.55 3.53 -9.42
N LEU B 386 5.72 3.16 -8.92
CA LEU B 386 6.24 1.81 -8.96
C LEU B 386 5.74 0.86 -7.88
N LEU B 387 5.54 1.38 -6.67
CA LEU B 387 5.24 0.57 -5.49
C LEU B 387 3.89 0.88 -4.79
N GLN B 388 3.26 2.04 -5.04
CA GLN B 388 2.07 2.35 -4.30
C GLN B 388 0.82 2.55 -5.12
N LYS B 389 0.97 3.07 -6.32
CA LYS B 389 -0.16 3.39 -7.20
C LYS B 389 -0.64 2.16 -7.97
N LEU B 390 -1.09 1.16 -7.21
CA LEU B 390 -1.45 -0.12 -7.79
C LEU B 390 -2.54 -0.66 -6.86
N THR B 391 -3.50 -1.39 -7.42
CA THR B 391 -4.55 -2.03 -6.64
C THR B 391 -4.84 -3.43 -7.19
N ARG B 392 -5.73 -4.13 -6.53
CA ARG B 392 -6.02 -5.50 -6.85
C ARG B 392 -6.92 -5.50 -8.10
N ASP B 393 -7.49 -4.34 -8.40
CA ASP B 393 -8.28 -4.24 -9.61
C ASP B 393 -7.48 -4.20 -10.92
N LEU B 394 -6.19 -3.90 -10.86
N LEU B 394 -6.18 -3.94 -10.83
CA LEU B 394 -5.45 -3.73 -12.08
CA LEU B 394 -5.39 -3.75 -12.01
C LEU B 394 -5.47 -5.06 -12.82
C LEU B 394 -5.33 -5.02 -12.81
N LEU B 395 -5.11 -6.14 -12.13
CA LEU B 395 -5.07 -7.46 -12.80
C LEU B 395 -6.24 -8.36 -12.40
N ASN B 396 -7.18 -7.79 -11.65
CA ASN B 396 -8.33 -8.55 -11.18
C ASN B 396 -7.98 -9.82 -10.42
N CYS B 397 -7.12 -9.65 -9.43
CA CYS B 397 -6.71 -10.79 -8.61
C CYS B 397 -7.84 -11.19 -7.69
N SER B 398 -8.15 -12.49 -7.72
CA SER B 398 -9.37 -12.93 -7.11
C SER B 398 -9.28 -14.43 -6.69
N PHE B 399 -9.96 -14.79 -5.60
CA PHE B 399 -9.89 -16.17 -5.04
C PHE B 399 -11.30 -16.64 -4.88
N LYS B 400 -11.58 -17.85 -5.34
CA LYS B 400 -12.96 -18.32 -5.38
C LYS B 400 -12.99 -19.82 -5.16
N CYS B 401 -14.09 -20.28 -4.57
CA CYS B 401 -14.31 -21.72 -4.43
C CYS B 401 -14.81 -22.26 -5.79
N SER B 402 -14.25 -23.38 -6.28
CA SER B 402 -14.72 -24.05 -7.53
C SER B 402 -15.25 -25.49 -7.29
N TYR B 403 -14.98 -26.09 -6.13
CA TYR B 403 -15.31 -27.52 -5.96
C TYR B 403 -15.51 -27.82 -4.48
N VAL B 404 -16.54 -28.60 -4.13
CA VAL B 404 -16.83 -28.95 -2.73
C VAL B 404 -17.27 -30.39 -2.75
N VAL B 405 -17.07 -31.09 -1.64
CA VAL B 405 -17.60 -32.46 -1.55
C VAL B 405 -18.57 -32.37 -0.36
N THR B 406 -19.82 -32.75 -0.58
CA THR B 406 -20.81 -32.75 0.50
C THR B 406 -21.58 -34.08 0.43
N ASN B 407 -21.84 -34.68 1.58
CA ASN B 407 -22.32 -36.08 1.62
C ASN B 407 -21.56 -37.02 0.71
N GLY B 408 -20.26 -36.79 0.55
CA GLY B 408 -19.42 -37.66 -0.25
C GLY B 408 -19.48 -37.46 -1.75
N LEU B 409 -20.28 -36.51 -2.22
CA LEU B 409 -20.39 -36.25 -3.65
C LEU B 409 -19.73 -34.93 -3.98
N GLY B 410 -18.84 -34.94 -4.97
CA GLY B 410 -18.21 -33.73 -5.42
C GLY B 410 -19.15 -32.98 -6.30
N ILE B 411 -19.20 -31.67 -6.13
CA ILE B 411 -19.94 -30.80 -7.08
C ILE B 411 -19.08 -29.58 -7.54
N ASN B 412 -19.24 -29.20 -8.80
CA ASN B 412 -18.54 -28.09 -9.43
C ASN B 412 -19.36 -26.84 -9.20
N VAL B 413 -18.76 -25.87 -8.56
CA VAL B 413 -19.48 -24.67 -8.13
C VAL B 413 -18.78 -23.41 -8.64
N PHE B 414 -19.53 -22.33 -8.71
CA PHE B 414 -19.05 -21.13 -9.39
C PHE B 414 -20.02 -19.99 -9.09
N LYS B 415 -19.55 -18.76 -9.29
CA LYS B 415 -20.47 -17.65 -9.34
C LYS B 415 -20.59 -17.20 -10.79
N ASP B 416 -21.74 -16.59 -11.12
CA ASP B 416 -21.96 -16.08 -12.45
C ASP B 416 -22.93 -14.91 -12.45
N PRO B 417 -22.49 -13.73 -11.93
CA PRO B 417 -23.43 -12.62 -11.68
C PRO B 417 -24.02 -12.12 -12.98
N VAL B 418 -25.35 -11.93 -13.01
CA VAL B 418 -26.07 -11.59 -14.24
C VAL B 418 -25.54 -10.33 -14.91
N ALA B 419 -25.20 -9.34 -14.10
CA ALA B 419 -24.82 -8.04 -14.63
C ALA B 419 -23.35 -7.95 -14.96
N ASP B 420 -22.54 -8.98 -14.69
CA ASP B 420 -21.11 -8.85 -14.95
C ASP B 420 -20.44 -10.17 -15.26
N PRO B 421 -20.52 -10.58 -16.52
CA PRO B 421 -19.87 -11.83 -16.96
C PRO B 421 -18.37 -11.90 -16.69
N ASN B 422 -17.74 -10.74 -16.50
CA ASN B 422 -16.32 -10.74 -16.26
C ASN B 422 -16.02 -11.29 -14.89
N LYS B 423 -17.03 -11.27 -14.03
CA LYS B 423 -16.84 -11.83 -12.66
C LYS B 423 -17.20 -13.33 -12.54
N ARG B 424 -17.65 -13.95 -13.62
CA ARG B 424 -17.93 -15.38 -13.61
C ARG B 424 -16.67 -16.16 -13.21
N SER B 425 -16.81 -17.14 -12.33
CA SER B 425 -15.64 -17.89 -11.88
C SER B 425 -15.55 -19.28 -12.50
N LYS B 426 -14.40 -19.95 -12.29
CA LYS B 426 -14.16 -21.27 -12.96
C LYS B 426 -14.82 -22.40 -12.16
N LYS B 427 -15.07 -23.53 -12.82
CA LYS B 427 -15.88 -24.60 -12.21
C LYS B 427 -15.07 -25.88 -12.00
N GLY B 428 -15.13 -26.41 -10.79
CA GLY B 428 -14.60 -27.74 -10.53
C GLY B 428 -13.14 -27.74 -10.26
N ARG B 429 -12.55 -28.93 -10.30
CA ARG B 429 -11.13 -29.08 -10.05
C ARG B 429 -10.34 -28.57 -11.22
N LEU B 430 -9.32 -27.77 -10.95
CA LEU B 430 -8.60 -27.13 -12.03
C LEU B 430 -7.19 -27.67 -12.21
N SER B 431 -6.66 -27.53 -13.43
CA SER B 431 -5.27 -27.83 -13.65
C SER B 431 -4.74 -26.98 -14.81
N LEU B 432 -3.42 -26.86 -14.89
CA LEU B 432 -2.79 -25.92 -15.79
C LEU B 432 -1.97 -26.78 -16.78
N HIS B 433 -2.14 -26.53 -18.07
CA HIS B 433 -1.45 -27.37 -19.09
C HIS B 433 -0.81 -26.55 -20.21
N ARG B 434 0.13 -27.18 -20.91
CA ARG B 434 0.74 -26.64 -22.12
C ARG B 434 -0.12 -27.11 -23.27
N THR B 435 -0.46 -26.18 -24.18
CA THR B 435 -1.27 -26.52 -25.36
C THR B 435 -0.35 -27.04 -26.48
N PRO B 436 -0.91 -27.62 -27.57
CA PRO B 436 -0.03 -28.10 -28.64
C PRO B 436 0.84 -27.00 -29.22
N ALA B 437 0.37 -25.75 -29.18
CA ALA B 437 1.18 -24.66 -29.67
C ALA B 437 2.20 -24.11 -28.67
N GLY B 438 2.24 -24.67 -27.47
CA GLY B 438 3.21 -24.25 -26.46
C GLY B 438 2.69 -23.20 -25.48
N ASN B 439 1.40 -22.89 -25.55
CA ASN B 439 0.84 -21.87 -24.66
C ASN B 439 0.22 -22.50 -23.42
N PHE B 440 -0.27 -21.64 -22.52
CA PHE B 440 -1.02 -22.14 -21.35
C PHE B 440 -2.52 -22.33 -21.57
N VAL B 441 -3.09 -23.34 -20.90
CA VAL B 441 -4.56 -23.48 -20.84
C VAL B 441 -4.95 -23.98 -19.47
N THR B 442 -6.03 -23.44 -18.91
CA THR B 442 -6.55 -23.94 -17.66
C THR B 442 -7.74 -24.86 -17.94
N LEU B 443 -7.68 -26.10 -17.45
CA LEU B 443 -8.75 -27.07 -17.69
C LEU B 443 -9.64 -27.07 -16.47
N GLU B 444 -10.94 -27.01 -16.70
CA GLU B 444 -11.91 -27.02 -15.62
C GLU B 444 -12.55 -28.41 -15.48
N GLU B 445 -13.33 -28.57 -14.41
CA GLU B 445 -14.23 -29.72 -14.25
C GLU B 445 -13.47 -31.05 -14.14
N GLY B 446 -12.24 -31.00 -13.62
CA GLY B 446 -11.40 -32.18 -13.49
C GLY B 446 -10.92 -32.74 -14.83
N LYS B 447 -11.19 -32.03 -15.93
CA LYS B 447 -10.80 -32.54 -17.25
C LYS B 447 -9.30 -32.82 -17.43
N GLY B 448 -8.45 -32.17 -16.64
CA GLY B 448 -7.05 -32.54 -16.61
C GLY B 448 -6.85 -34.04 -16.38
N ASP B 449 -7.77 -34.68 -15.67
CA ASP B 449 -7.62 -36.13 -15.37
C ASP B 449 -7.80 -36.99 -16.64
N LEU B 450 -8.47 -36.43 -17.65
CA LEU B 450 -8.61 -37.12 -18.97
C LEU B 450 -7.29 -37.37 -19.71
N GLU B 451 -6.23 -36.66 -19.33
CA GLU B 451 -4.89 -36.93 -19.87
C GLU B 451 -4.78 -36.63 -21.36
N GLU B 452 -5.51 -35.63 -21.82
CA GLU B 452 -5.50 -35.26 -23.23
C GLU B 452 -4.56 -34.08 -23.44
N TYR B 453 -4.12 -33.46 -22.34
CA TYR B 453 -3.26 -32.29 -22.43
C TYR B 453 -2.00 -32.43 -21.59
N GLY B 454 -1.52 -33.66 -21.38
CA GLY B 454 -0.30 -33.89 -20.62
C GLY B 454 -0.42 -33.55 -19.11
N GLN B 455 0.73 -33.33 -18.50
CA GLN B 455 0.83 -33.16 -17.04
C GLN B 455 0.43 -31.75 -16.58
N ASP B 456 -0.13 -31.69 -15.36
CA ASP B 456 -0.45 -30.44 -14.66
C ASP B 456 0.83 -29.69 -14.39
N LEU B 457 0.86 -28.40 -14.75
CA LEU B 457 2.00 -27.54 -14.60
C LEU B 457 2.10 -26.92 -13.19
N LEU B 458 1.02 -27.00 -12.39
CA LEU B 458 1.10 -26.62 -10.98
C LEU B 458 1.86 -27.69 -10.23
N HIS B 459 2.55 -27.22 -9.20
CA HIS B 459 3.29 -28.06 -8.27
C HIS B 459 2.76 -27.87 -6.84
N THR B 460 2.79 -28.95 -6.06
CA THR B 460 2.49 -28.82 -4.64
C THR B 460 3.59 -28.02 -3.95
N VAL B 461 3.21 -26.89 -3.37
CA VAL B 461 4.19 -26.02 -2.70
C VAL B 461 4.01 -25.96 -1.18
N PHE B 462 2.87 -26.43 -0.70
CA PHE B 462 2.61 -26.46 0.75
C PHE B 462 1.73 -27.63 1.01
N LYS B 463 2.08 -28.41 2.04
CA LYS B 463 1.19 -29.49 2.45
C LYS B 463 1.36 -29.71 3.94
N ASN B 464 0.25 -29.64 4.67
CA ASN B 464 0.20 -30.02 6.06
C ASN B 464 1.26 -29.34 6.92
N GLY B 465 1.45 -28.04 6.74
CA GLY B 465 2.38 -27.31 7.57
C GLY B 465 3.78 -27.13 6.97
N LYS B 466 4.05 -27.82 5.86
CA LYS B 466 5.40 -27.81 5.34
C LYS B 466 5.45 -27.17 3.95
N VAL B 467 6.47 -26.36 3.70
CA VAL B 467 6.71 -25.88 2.35
C VAL B 467 7.40 -27.00 1.60
N THR B 468 6.86 -27.41 0.47
CA THR B 468 7.32 -28.64 -0.17
C THR B 468 8.01 -28.40 -1.47
N LYS B 469 7.94 -27.16 -1.96
CA LYS B 469 8.63 -26.81 -3.18
C LYS B 469 8.91 -25.31 -3.18
N SER B 470 10.12 -24.93 -3.59
CA SER B 470 10.53 -23.54 -3.43
C SER B 470 11.51 -23.12 -4.55
N TYR B 471 11.71 -21.82 -4.73
CA TYR B 471 12.50 -21.28 -5.84
C TYR B 471 13.46 -20.25 -5.32
N SER B 472 14.69 -20.24 -5.84
CA SER B 472 15.58 -19.16 -5.55
C SER B 472 15.21 -17.91 -6.33
N PHE B 473 15.75 -16.79 -5.91
CA PHE B 473 15.47 -15.54 -6.56
C PHE B 473 16.16 -15.54 -7.91
N ASP B 474 17.22 -16.35 -8.06
CA ASP B 474 17.90 -16.39 -9.35
C ASP B 474 17.03 -17.15 -10.34
N GLU B 475 16.32 -18.19 -9.90
CA GLU B 475 15.43 -18.95 -10.80
C GLU B 475 14.25 -18.08 -11.20
N ILE B 476 13.76 -17.34 -10.22
CA ILE B 476 12.61 -16.48 -10.47
C ILE B 476 12.95 -15.42 -11.53
N ARG B 477 14.14 -14.81 -11.39
CA ARG B 477 14.61 -13.81 -12.37
C ARG B 477 14.68 -14.44 -13.76
N LYS B 478 15.22 -15.66 -13.83
CA LYS B 478 15.32 -16.38 -15.13
C LYS B 478 13.96 -16.66 -15.76
N ASN B 479 13.00 -17.06 -14.92
CA ASN B 479 11.65 -17.34 -15.41
C ASN B 479 10.98 -16.06 -15.92
N ALA B 480 11.30 -14.95 -15.26
CA ALA B 480 10.68 -13.66 -15.57
C ALA B 480 11.32 -12.84 -16.74
N GLN B 481 12.38 -13.37 -17.35
CA GLN B 481 13.06 -12.68 -18.45
C GLN B 481 12.13 -12.30 -19.63
N LEU B 482 12.48 -11.22 -20.31
CA LEU B 482 11.76 -10.76 -21.49
C LEU B 482 12.12 -11.63 -22.69
N ASN B 483 11.20 -11.79 -23.63
CA ASN B 483 11.51 -12.52 -24.87
C ASN B 483 12.65 -11.81 -25.61
N ILE B 484 12.64 -10.48 -25.63
CA ILE B 484 13.78 -9.76 -26.25
C ILE B 484 15.13 -10.14 -25.59
N GLU B 485 15.15 -10.29 -24.27
CA GLU B 485 16.31 -10.80 -23.54
C GLU B 485 16.68 -12.25 -23.94
N LEU B 486 15.69 -13.09 -24.19
CA LEU B 486 15.97 -14.48 -24.57
C LEU B 486 16.60 -14.47 -25.97
N GLU B 487 16.05 -13.64 -26.85
CA GLU B 487 16.61 -13.43 -28.19
C GLU B 487 17.98 -12.78 -28.06
N ALA B 488 19.04 -13.57 -28.22
CA ALA B 488 20.41 -13.09 -28.01
C ALA B 488 20.60 -12.55 -26.60
C1 20R C . -23.48 -3.49 12.49
C2 20R C . -22.23 -3.23 11.92
C3 20R C . -22.08 -3.26 10.54
C4 20R C . -23.18 -3.53 9.73
C5 20R C . -24.43 -3.76 10.30
C6 20R C . -24.59 -3.74 11.70
S7 20R C . -22.90 -3.51 7.97
O8 20R C . -22.06 -2.36 7.77
O9 20R C . -24.15 -3.55 7.29
C10 20R C . -21.93 -4.96 7.71
C11 20R C . -22.49 -6.21 7.69
C12 20R C . -21.71 -7.33 7.54
C13 20R C . -20.35 -7.21 7.41
C14 20R C . -19.79 -5.97 7.47
C15 20R C . -20.57 -4.84 7.60
C16 20R C . -19.48 -8.43 7.32
N17 20R C . -18.40 -8.39 6.31
C18 20R C . -18.84 -8.57 5.07
O19 20R C . -20.05 -8.68 4.83
C20 20R C . -17.85 -8.54 3.98
C21 20R C . -16.49 -8.35 4.22
C22 20R C . -15.64 -8.35 3.11
C23 20R C . -14.22 -8.16 2.91
N24 20R C . -14.01 -8.20 1.64
N25 20R C . -15.17 -8.50 0.93
C27 20R C . -16.20 -8.54 1.82
N28 20R C . -17.48 -8.74 1.67
C29 20R C . -18.31 -8.71 2.69
P PO4 D . 8.44 15.59 -2.56
O1 PO4 D . 9.18 14.31 -2.18
O2 PO4 D . 7.00 15.50 -3.06
O3 PO4 D . 8.36 16.45 -1.34
O4 PO4 D . 9.36 16.24 -3.58
C1 20R E . 24.17 2.39 -10.81
C2 20R E . 24.51 3.56 -11.48
C3 20R E . 23.55 4.57 -11.64
C4 20R E . 22.27 4.34 -11.16
C5 20R E . 21.96 3.17 -10.48
C6 20R E . 22.90 2.17 -10.30
S7 20R E . 20.98 5.57 -11.33
O8 20R E . 19.86 4.76 -11.82
O9 20R E . 21.51 6.64 -12.05
C10 20R E . 20.78 6.05 -9.64
C11 20R E . 21.68 6.92 -9.03
C12 20R E . 21.52 7.22 -7.69
C13 20R E . 20.49 6.74 -6.91
C14 20R E . 19.60 5.88 -7.51
C15 20R E . 19.74 5.54 -8.85
C16 20R E . 20.42 7.09 -5.43
N17 20R E . 19.09 7.45 -4.98
C18 20R E . 18.60 8.63 -5.36
O19 20R E . 19.23 9.36 -6.11
C20 20R E . 17.25 9.02 -4.91
C21 20R E . 16.49 8.14 -4.12
C22 20R E . 15.19 8.56 -3.74
C23 20R E . 14.10 7.96 -2.98
N24 20R E . 13.13 8.83 -3.01
N25 20R E . 13.49 9.99 -3.68
C27 20R E . 14.75 9.83 -4.16
N28 20R E . 15.51 10.63 -4.88
C29 20R E . 16.73 10.27 -5.28
P PO4 F . -13.49 -10.42 -5.17
O1 PO4 F . -14.66 -11.38 -5.20
O2 PO4 F . -13.55 -9.51 -6.40
O3 PO4 F . -13.49 -9.67 -3.85
O4 PO4 F . -12.18 -11.17 -5.25
#